data_6M0V
#
_entry.id   6M0V
#
_cell.length_a   321.839
_cell.length_b   75.078
_cell.length_c   70.109
_cell.angle_alpha   90.000
_cell.angle_beta   93.210
_cell.angle_gamma   90.000
#
_symmetry.space_group_name_H-M   'C 1 2 1'
#
loop_
_entity.id
_entity.type
_entity.pdbx_description
1 polymer 'RNA (71-MER)'
2 polymer 'DNA (28-MER)'
3 polymer "DNA (5'-D(*AP*AP*GP*GP*AP*AP*GP*C)-3')"
4 polymer 'CRISPR-associated endonuclease Cas9 1'
5 non-polymer 'BARIUM ION'
6 non-polymer 'MAGNESIUM ION'
7 water water
#
loop_
_entity_poly.entity_id
_entity_poly.type
_entity_poly.pdbx_seq_one_letter_code
_entity_poly.pdbx_strand_id
1 'polyribonucleotide' GGUGCUAAGAUUAAUCAGGAUGUUUUUGUACUCGAAAGAAGCUACAAAGAUAAGGCUUCAUGCCGAAAUCA B
2 'polydeoxyribonucleotide'
;(DG)(DC)(DT)(DT)(DC)(DC)(DT)(DT)(DA)(DT)(DC)(DC)(DT)(DG)(DA)(DT)(DT)(DA)(DA)(DT)
(DC)(DT)(DT)(DA)(DG)(DC)(DA)(DC)
;
C
3 'polydeoxyribonucleotide' (DA)(DA)(DG)(DG)(DA)(DA)(DG)(DC) D
4 'polypeptide(L)'
;MGSDLVLGLDIGIGSVGVGILNKVTGEIIHKNSRIFPAAQAENNLVRRTNRQGRRLARRKKHRRVRLNRLFEESGLITDF
TKISINLNPYQLRVKGLTDELSNEELFIALKNMVKHRGISYLDDASDDGNSSVGDYAQIVKENSKQLETKTPGQIQLERY
QTYGQLRGDFTVEKDGKKHRLINVFPTSAYRSEALRILQTQQEFNPQITDEFINRYLEILTGKRKYYHGPGNEKSRTDYG
RYRTSGETLDNIFGILIGKCTFYPDEFRAAKASYTAQEFNLLNDLNNLTVPTETKKLSKEQKNQIINYVKNEKAMGPAKL
FKYIAKLLSCDVADIKGYRIDKSGKAEIHTFEAYRKMKTLETLDIEQMDRETLDKLAYVLTLNTEREGIQEALEHEFADG
SFSQKQVDELVQFRKANSSIFGKGWHNFSVKLMMELIPELYETSEEQMTILTRLGKQKTTSSSNKTKYIDEKLLTEEIYN
PVVAKSVRQAIKIVNAAIKEYGDFDNIVIEMARETNEDDEKKAIQKIQKANKDEKDAAMLKAANQYNGKAELPHSVFHGH
KQLATKIRLWHQQGERCLYTGKTISIHDLINNSNQFEVDAILPLSITFDDSLANKVLVYATANQEKGQRTPYQALDSMDD
AWSFRELKAFVRESKTLSNKKKEYLLTEEDISKFDVRKKFIERNLVDTRYASRVVLNALQEHFRAHKIDTKVSVVRGQFT
SQLRRHWGIEKTRDTYHHHAVDALIIAASSQLNLWKKQKNTLVSYSEDQLLDIETGELISDDEYKESVFKAPYQHFVDTL
KSKEFEDSILFSYQVDSKFNRKISDATIYATRQAKVGKDKADETYVLGKIKDIYTQDGYDAFMKIYKKDKSKFLMYRHDP
QTFEKVIEPILENYPNKQINEKGKEVPCNPFLKYKEEHGYIRKYSKKGNGPEIKSLKYYDSKLGNHIDITPKDSNNKVVL
QSVSPWRADVYFNKTTGKYEILGLKYADLQFEKGTGTYKISQEKYNDIKKKEGVDSDSEFKFTLYKNDLLLVKDTETKEQ
QLFRFLSRTMPKQKHYVELKPYDKQKFEGGEALIKVLGNVANSGQCKKGLGKSNISIYKVRTDVLGNQHIIKNEGDKPKL
DF
;
A
#
# COMPACT_ATOMS: atom_id res chain seq x y z
N MET D 1 35.94 2.41 26.24
CA MET D 1 37.04 1.96 25.39
C MET D 1 37.84 0.84 26.05
N GLY D 2 37.11 -0.14 26.61
CA GLY D 2 37.77 -1.26 27.24
C GLY D 2 38.25 -2.31 26.25
N SER D 3 37.55 -2.47 25.13
CA SER D 3 37.93 -3.40 24.09
C SER D 3 38.48 -2.62 22.89
N ASP D 4 38.85 -3.36 21.84
CA ASP D 4 39.47 -2.77 20.66
C ASP D 4 38.70 -3.07 19.37
N LEU D 5 37.54 -3.72 19.45
CA LEU D 5 36.81 -4.12 18.26
C LEU D 5 35.81 -3.05 17.85
N VAL D 6 35.62 -2.91 16.53
CA VAL D 6 34.70 -1.93 15.97
C VAL D 6 33.70 -2.67 15.10
N LEU D 7 32.41 -2.37 15.29
CA LEU D 7 31.33 -2.98 14.55
C LEU D 7 30.67 -1.94 13.64
N GLY D 8 30.41 -2.33 12.40
CA GLY D 8 29.74 -1.46 11.45
C GLY D 8 28.58 -2.16 10.79
N LEU D 9 27.54 -1.38 10.50
CA LEU D 9 26.28 -1.91 9.99
C LEU D 9 25.82 -1.11 8.77
N ASP D 10 25.47 -1.82 7.70
CA ASP D 10 24.89 -1.22 6.50
C ASP D 10 23.46 -1.73 6.39
N ILE D 11 22.54 -1.00 7.02
CA ILE D 11 21.16 -1.46 7.22
C ILE D 11 20.32 -1.04 6.01
N GLY D 12 19.67 -2.01 5.38
CA GLY D 12 18.79 -1.71 4.26
C GLY D 12 17.39 -2.24 4.48
N ILE D 13 16.53 -2.16 3.45
CA ILE D 13 15.20 -2.73 3.57
C ILE D 13 15.22 -4.24 3.35
N GLY D 14 16.28 -4.76 2.74
CA GLY D 14 16.35 -6.19 2.45
C GLY D 14 17.73 -6.77 2.69
N SER D 15 18.53 -6.12 3.53
CA SER D 15 19.87 -6.60 3.83
C SER D 15 20.42 -5.82 5.02
N VAL D 16 21.40 -6.43 5.69
CA VAL D 16 22.16 -5.79 6.77
C VAL D 16 23.61 -6.20 6.61
N GLY D 17 24.45 -5.28 6.14
CA GLY D 17 25.87 -5.55 6.09
C GLY D 17 26.46 -5.59 7.49
N VAL D 18 27.35 -6.55 7.71
CA VAL D 18 28.00 -6.75 9.00
C VAL D 18 29.51 -6.69 8.79
N GLY D 19 30.22 -6.06 9.74
CA GLY D 19 31.66 -5.96 9.65
C GLY D 19 32.32 -5.57 10.95
N ILE D 20 33.27 -6.38 11.41
CA ILE D 20 34.01 -6.14 12.63
C ILE D 20 35.49 -5.96 12.28
N LEU D 21 36.14 -5.01 12.93
CA LEU D 21 37.57 -4.81 12.70
C LEU D 21 38.24 -4.26 13.95
N ASN D 22 39.48 -4.66 14.14
CA ASN D 22 40.31 -4.10 15.21
C ASN D 22 40.73 -2.68 14.84
N LYS D 23 40.39 -1.72 15.70
CA LYS D 23 40.76 -0.34 15.42
C LYS D 23 42.26 -0.13 15.52
N VAL D 24 42.98 -1.03 16.20
CA VAL D 24 44.41 -0.90 16.40
C VAL D 24 45.18 -1.59 15.29
N THR D 25 44.95 -2.90 15.12
CA THR D 25 45.71 -3.66 14.15
C THR D 25 45.22 -3.40 12.72
N GLY D 26 43.92 -3.23 12.54
CA GLY D 26 43.34 -3.09 11.23
C GLY D 26 42.91 -4.39 10.58
N GLU D 27 42.96 -5.50 11.31
CA GLU D 27 42.56 -6.78 10.76
C GLU D 27 41.04 -6.85 10.60
N ILE D 28 40.61 -7.59 9.58
CA ILE D 28 39.19 -7.82 9.34
C ILE D 28 38.83 -9.12 10.06
N ILE D 29 38.15 -8.99 11.20
CA ILE D 29 37.86 -10.15 12.03
C ILE D 29 36.60 -10.87 11.56
N HIS D 30 35.59 -10.12 11.10
CA HIS D 30 34.34 -10.75 10.69
C HIS D 30 33.66 -9.92 9.62
N LYS D 31 33.33 -10.57 8.50
CA LYS D 31 32.55 -9.97 7.43
C LYS D 31 31.37 -10.89 7.14
N ASN D 32 30.18 -10.31 7.02
CA ASN D 32 28.97 -11.12 6.94
C ASN D 32 27.87 -10.32 6.24
N SER D 33 26.98 -11.04 5.58
CA SER D 33 25.80 -10.45 4.94
C SER D 33 24.56 -11.19 5.40
N ARG D 34 23.65 -10.47 6.06
CA ARG D 34 22.33 -10.98 6.41
C ARG D 34 21.34 -10.50 5.37
N ILE D 35 20.61 -11.43 4.76
CA ILE D 35 19.69 -11.12 3.67
C ILE D 35 18.30 -11.62 4.04
N PHE D 36 17.33 -10.73 3.96
CA PHE D 36 15.91 -11.03 4.12
C PHE D 36 15.19 -10.19 3.07
N PRO D 37 14.65 -10.80 2.02
CA PRO D 37 14.01 -10.01 0.97
C PRO D 37 12.91 -9.11 1.54
N ALA D 38 13.00 -7.83 1.22
CA ALA D 38 11.93 -6.90 1.60
C ALA D 38 10.63 -7.21 0.87
N ALA D 39 10.70 -7.94 -0.24
CA ALA D 39 9.53 -8.22 -1.06
C ALA D 39 8.39 -8.82 -0.25
N GLN D 40 8.71 -9.57 0.81
CA GLN D 40 7.65 -10.23 1.58
C GLN D 40 6.88 -9.23 2.44
N ALA D 41 7.60 -8.34 3.13
CA ALA D 41 6.92 -7.38 3.99
C ALA D 41 6.21 -6.30 3.18
N GLU D 42 6.73 -5.96 2.00
CA GLU D 42 6.07 -4.99 1.15
C GLU D 42 4.76 -5.53 0.58
N ASN D 43 4.57 -6.85 0.59
CA ASN D 43 3.33 -7.48 0.16
C ASN D 43 2.14 -7.10 1.04
N ASN D 44 2.39 -6.34 2.11
CA ASN D 44 1.30 -5.99 3.01
C ASN D 44 0.26 -5.12 2.31
N LEU D 45 0.68 -4.29 1.35
CA LEU D 45 -0.28 -3.57 0.52
C LEU D 45 -1.20 -4.53 -0.21
N VAL D 46 -0.68 -5.68 -0.63
CA VAL D 46 -1.54 -6.70 -1.26
C VAL D 46 -2.48 -7.30 -0.23
N ARG D 47 -2.03 -7.45 1.02
CA ARG D 47 -2.89 -8.01 2.06
C ARG D 47 -4.00 -7.05 2.45
N ARG D 48 -3.71 -5.76 2.52
CA ARG D 48 -4.74 -4.80 2.90
C ARG D 48 -5.73 -4.55 1.76
N THR D 49 -5.23 -4.53 0.52
CA THR D 49 -6.12 -4.32 -0.63
C THR D 49 -7.11 -5.48 -0.75
N ASN D 50 -6.64 -6.71 -0.52
CA ASN D 50 -7.52 -7.87 -0.64
C ASN D 50 -8.41 -8.03 0.57
N ARG D 51 -8.00 -7.53 1.74
CA ARG D 51 -8.85 -7.60 2.92
C ARG D 51 -10.03 -6.66 2.78
N GLN D 52 -9.80 -5.42 2.33
CA GLN D 52 -10.89 -4.48 2.15
C GLN D 52 -11.77 -4.88 0.97
N GLY D 53 -11.16 -5.37 -0.10
CA GLY D 53 -11.95 -5.92 -1.19
C GLY D 53 -12.84 -7.06 -0.74
N ARG D 54 -12.33 -7.90 0.16
CA ARG D 54 -13.14 -8.99 0.68
C ARG D 54 -14.30 -8.46 1.53
N ARG D 55 -14.07 -7.39 2.29
CA ARG D 55 -15.14 -6.85 3.11
C ARG D 55 -16.24 -6.19 2.27
N LEU D 56 -15.87 -5.61 1.14
CA LEU D 56 -16.87 -4.97 0.28
C LEU D 56 -17.75 -6.01 -0.40
N ALA D 57 -17.15 -7.04 -1.00
CA ALA D 57 -17.93 -8.09 -1.63
C ALA D 57 -18.72 -8.90 -0.60
N ARG D 58 -18.20 -9.00 0.62
CA ARG D 58 -18.93 -9.67 1.69
C ARG D 58 -20.18 -8.87 2.07
N ARG D 59 -20.04 -7.55 2.24
CA ARG D 59 -21.17 -6.73 2.63
C ARG D 59 -22.13 -6.51 1.47
N LYS D 60 -21.65 -6.54 0.24
CA LYS D 60 -22.57 -6.46 -0.89
C LYS D 60 -23.44 -7.71 -0.97
N LYS D 61 -22.86 -8.88 -0.68
CA LYS D 61 -23.66 -10.09 -0.60
C LYS D 61 -24.62 -10.04 0.58
N HIS D 62 -24.14 -9.58 1.74
CA HIS D 62 -25.00 -9.54 2.92
C HIS D 62 -26.19 -8.63 2.72
N ARG D 63 -26.01 -7.52 1.99
CA ARG D 63 -27.13 -6.62 1.75
C ARG D 63 -28.31 -7.33 1.09
N ARG D 64 -28.03 -8.28 0.20
CA ARG D 64 -29.09 -9.05 -0.44
C ARG D 64 -29.54 -10.26 0.39
N VAL D 65 -28.76 -10.67 1.38
CA VAL D 65 -29.24 -11.68 2.33
C VAL D 65 -30.21 -11.05 3.32
N ARG D 66 -29.85 -9.88 3.87
CA ARG D 66 -30.78 -9.12 4.70
C ARG D 66 -32.10 -8.87 3.97
N LEU D 67 -32.03 -8.53 2.68
CA LEU D 67 -33.25 -8.36 1.91
C LEU D 67 -34.04 -9.66 1.84
N ASN D 68 -33.35 -10.80 1.71
CA ASN D 68 -34.04 -12.09 1.73
C ASN D 68 -34.72 -12.32 3.08
N ARG D 69 -34.08 -11.88 4.16
CA ARG D 69 -34.68 -12.02 5.49
C ARG D 69 -35.83 -11.04 5.66
N LEU D 70 -35.70 -9.84 5.09
CA LEU D 70 -36.78 -8.86 5.15
C LEU D 70 -38.04 -9.37 4.44
N PHE D 71 -37.86 -10.03 3.30
CA PHE D 71 -39.00 -10.51 2.53
C PHE D 71 -39.67 -11.72 3.18
N GLU D 72 -38.98 -12.40 4.10
CA GLU D 72 -39.63 -13.47 4.86
C GLU D 72 -40.43 -12.90 6.03
N GLU D 73 -39.86 -11.95 6.76
CA GLU D 73 -40.56 -11.34 7.88
C GLU D 73 -41.83 -10.63 7.41
N SER D 74 -41.70 -9.76 6.41
CA SER D 74 -42.86 -9.05 5.88
C SER D 74 -43.89 -9.98 5.27
N GLY D 75 -43.53 -11.23 5.02
CA GLY D 75 -44.46 -12.15 4.38
C GLY D 75 -44.77 -11.78 2.95
N LEU D 76 -43.76 -11.35 2.19
CA LEU D 76 -43.91 -11.11 0.77
C LEU D 76 -43.48 -12.30 -0.07
N ILE D 77 -42.38 -12.96 0.29
CA ILE D 77 -41.97 -14.22 -0.32
C ILE D 77 -41.52 -15.16 0.80
N THR D 78 -41.89 -16.43 0.68
CA THR D 78 -41.41 -17.47 1.60
C THR D 78 -40.53 -18.50 0.92
N ASP D 79 -40.80 -18.85 -0.33
CA ASP D 79 -40.02 -19.82 -1.09
C ASP D 79 -39.28 -19.09 -2.19
N PHE D 80 -37.96 -18.97 -2.03
CA PHE D 80 -37.11 -18.23 -2.94
C PHE D 80 -36.51 -19.09 -4.04
N THR D 81 -36.93 -20.36 -4.14
CA THR D 81 -36.34 -21.29 -5.08
C THR D 81 -36.82 -21.07 -6.52
N LYS D 82 -37.96 -20.42 -6.71
CA LYS D 82 -38.52 -20.21 -8.04
C LYS D 82 -38.52 -18.75 -8.46
N ILE D 83 -37.66 -17.92 -7.86
CA ILE D 83 -37.49 -16.56 -8.33
C ILE D 83 -36.70 -16.57 -9.63
N SER D 84 -37.19 -15.86 -10.63
CA SER D 84 -36.59 -15.89 -11.97
C SER D 84 -35.45 -14.90 -12.07
N ILE D 85 -34.32 -15.36 -12.58
CA ILE D 85 -33.13 -14.52 -12.74
C ILE D 85 -33.09 -13.91 -14.15
N ASN D 86 -34.19 -13.94 -14.89
CA ASN D 86 -34.16 -13.57 -16.31
C ASN D 86 -35.18 -12.49 -16.67
N LEU D 87 -35.68 -11.73 -15.69
CA LEU D 87 -36.50 -10.58 -16.02
C LEU D 87 -35.60 -9.35 -16.14
N ASN D 88 -36.21 -8.22 -16.49
CA ASN D 88 -35.44 -6.99 -16.64
C ASN D 88 -35.61 -6.16 -15.38
N PRO D 89 -34.68 -6.23 -14.42
CA PRO D 89 -34.85 -5.44 -13.19
C PRO D 89 -34.83 -3.94 -13.41
N TYR D 90 -34.22 -3.47 -14.50
CA TYR D 90 -34.24 -2.04 -14.79
C TYR D 90 -35.61 -1.61 -15.31
N GLN D 91 -36.26 -2.46 -16.10
CA GLN D 91 -37.61 -2.15 -16.55
C GLN D 91 -38.60 -2.27 -15.40
N LEU D 92 -38.41 -3.26 -14.52
CA LEU D 92 -39.26 -3.37 -13.35
C LEU D 92 -39.10 -2.18 -12.40
N ARG D 93 -37.94 -1.54 -12.43
CA ARG D 93 -37.70 -0.35 -11.61
C ARG D 93 -38.28 0.91 -12.23
N VAL D 94 -38.90 0.80 -13.40
CA VAL D 94 -39.65 1.90 -13.99
C VAL D 94 -41.14 1.62 -14.02
N LYS D 95 -41.53 0.37 -14.31
CA LYS D 95 -42.92 -0.02 -14.17
C LYS D 95 -43.42 0.23 -12.74
N GLY D 96 -42.62 -0.13 -11.74
CA GLY D 96 -42.99 0.06 -10.35
C GLY D 96 -43.12 1.50 -9.91
N LEU D 97 -42.59 2.44 -10.69
CA LEU D 97 -42.68 3.85 -10.34
C LEU D 97 -44.11 4.38 -10.50
N THR D 98 -44.92 3.76 -11.36
CA THR D 98 -46.28 4.21 -11.61
C THR D 98 -47.26 3.04 -11.58
N ASP D 99 -46.93 1.95 -12.27
CA ASP D 99 -47.75 0.75 -12.28
C ASP D 99 -47.30 -0.23 -11.21
N GLU D 100 -48.12 -1.25 -10.98
CA GLU D 100 -47.94 -2.18 -9.87
C GLU D 100 -47.05 -3.35 -10.30
N LEU D 101 -46.17 -3.76 -9.38
CA LEU D 101 -45.29 -4.91 -9.58
C LEU D 101 -45.78 -6.09 -8.75
N SER D 102 -45.48 -7.29 -9.23
CA SER D 102 -45.65 -8.47 -8.40
C SER D 102 -44.63 -8.46 -7.26
N ASN D 103 -44.95 -9.20 -6.20
CA ASN D 103 -44.01 -9.35 -5.10
C ASN D 103 -42.68 -9.92 -5.59
N GLU D 104 -42.74 -11.00 -6.37
CA GLU D 104 -41.54 -11.49 -7.05
C GLU D 104 -40.90 -10.39 -7.88
N GLU D 105 -41.70 -9.73 -8.72
CA GLU D 105 -41.19 -8.66 -9.56
C GLU D 105 -40.60 -7.51 -8.75
N LEU D 106 -41.14 -7.25 -7.56
CA LEU D 106 -40.57 -6.22 -6.69
C LEU D 106 -39.24 -6.67 -6.10
N PHE D 107 -39.19 -7.93 -5.62
CA PHE D 107 -37.95 -8.50 -5.11
C PHE D 107 -36.83 -8.42 -6.14
N ILE D 108 -37.17 -8.54 -7.43
CA ILE D 108 -36.17 -8.44 -8.49
C ILE D 108 -35.72 -6.99 -8.68
N ALA D 109 -36.62 -6.03 -8.47
CA ALA D 109 -36.25 -4.63 -8.61
C ALA D 109 -35.38 -4.14 -7.45
N LEU D 110 -35.62 -4.64 -6.24
CA LEU D 110 -34.88 -4.16 -5.08
C LEU D 110 -33.53 -4.85 -4.94
N LYS D 111 -33.50 -6.16 -5.20
CA LYS D 111 -32.24 -6.89 -5.17
C LYS D 111 -31.24 -6.32 -6.16
N ASN D 112 -31.72 -5.93 -7.34
CA ASN D 112 -30.85 -5.33 -8.35
C ASN D 112 -30.34 -3.96 -7.89
N MET D 113 -31.15 -3.23 -7.12
CA MET D 113 -30.75 -1.92 -6.61
C MET D 113 -29.76 -2.06 -5.45
N VAL D 114 -29.88 -3.14 -4.68
CA VAL D 114 -28.98 -3.39 -3.54
C VAL D 114 -27.59 -3.78 -4.01
N LYS D 115 -27.49 -4.50 -5.13
CA LYS D 115 -26.20 -4.96 -5.63
C LYS D 115 -25.35 -3.82 -6.17
N HIS D 116 -25.96 -2.70 -6.56
CA HIS D 116 -25.24 -1.51 -7.04
C HIS D 116 -25.93 -0.29 -6.45
N ARG D 117 -25.48 0.15 -5.28
CA ARG D 117 -26.14 1.21 -4.55
C ARG D 117 -25.40 2.54 -4.61
N GLY D 118 -24.52 2.71 -5.59
CA GLY D 118 -23.96 4.02 -5.92
C GLY D 118 -23.00 4.65 -4.92
N ILE D 119 -22.42 5.78 -5.31
CA ILE D 119 -21.47 6.50 -4.46
C ILE D 119 -22.24 7.30 -3.42
N SER D 120 -21.54 7.79 -2.41
CA SER D 120 -22.15 8.56 -1.34
C SER D 120 -21.13 9.49 -0.67
N TYR D 121 -20.84 10.62 -1.32
CA TYR D 121 -19.99 11.63 -0.70
C TYR D 121 -20.14 12.96 -1.44
N LYS D 150 -35.42 12.23 -13.55
CA LYS D 150 -34.97 10.94 -14.04
C LYS D 150 -34.21 10.17 -12.97
N THR D 151 -34.80 9.06 -12.52
CA THR D 151 -34.14 8.19 -11.56
C THR D 151 -32.98 7.45 -12.24
N PRO D 152 -32.06 6.88 -11.45
CA PRO D 152 -31.04 6.00 -12.05
C PRO D 152 -31.62 4.88 -12.90
N GLY D 153 -32.65 4.19 -12.40
CA GLY D 153 -33.27 3.12 -13.17
C GLY D 153 -33.76 3.57 -14.53
N GLN D 154 -34.19 4.83 -14.64
CA GLN D 154 -34.61 5.37 -15.92
C GLN D 154 -33.42 5.74 -16.81
N ILE D 155 -32.37 6.29 -16.21
CA ILE D 155 -31.15 6.60 -16.97
C ILE D 155 -30.51 5.31 -17.45
N GLN D 156 -30.56 4.26 -16.63
CA GLN D 156 -29.92 3.01 -17.00
C GLN D 156 -30.72 2.29 -18.09
N LEU D 157 -32.00 2.01 -17.82
CA LEU D 157 -32.85 1.35 -18.80
C LEU D 157 -32.77 2.01 -20.18
N GLU D 158 -32.59 3.33 -20.22
CA GLU D 158 -32.45 4.00 -21.51
C GLU D 158 -31.09 3.77 -22.15
N ARG D 159 -30.06 3.48 -21.36
CA ARG D 159 -28.79 3.07 -21.95
C ARG D 159 -28.87 1.65 -22.47
N TYR D 160 -29.62 0.79 -21.76
CA TYR D 160 -29.94 -0.55 -22.26
C TYR D 160 -30.61 -0.48 -23.62
N GLN D 161 -31.59 0.42 -23.75
CA GLN D 161 -32.47 0.39 -24.93
C GLN D 161 -31.77 0.92 -26.17
N THR D 162 -30.98 1.98 -26.04
CA THR D 162 -30.36 2.60 -27.21
C THR D 162 -28.94 2.11 -27.48
N TYR D 163 -28.21 1.68 -26.45
CA TYR D 163 -26.84 1.20 -26.64
C TYR D 163 -26.67 -0.30 -26.45
N GLY D 164 -27.64 -0.98 -25.83
CA GLY D 164 -27.53 -2.39 -25.56
C GLY D 164 -26.72 -2.77 -24.34
N GLN D 165 -26.26 -1.81 -23.56
CA GLN D 165 -25.42 -2.10 -22.41
C GLN D 165 -25.56 -1.02 -21.35
N LEU D 166 -25.43 -1.44 -20.10
CA LEU D 166 -25.47 -0.58 -18.93
C LEU D 166 -24.16 -0.56 -18.16
N ARG D 167 -23.59 -1.75 -17.99
CA ARG D 167 -22.61 -1.96 -16.95
C ARG D 167 -21.28 -1.33 -17.31
N GLY D 168 -20.54 -0.95 -16.28
CA GLY D 168 -19.14 -0.64 -16.45
C GLY D 168 -18.87 0.65 -17.20
N ASP D 169 -17.76 0.62 -17.93
CA ASP D 169 -17.09 1.80 -18.48
C ASP D 169 -17.03 1.61 -19.99
N PHE D 170 -17.98 2.19 -20.72
CA PHE D 170 -18.15 1.90 -22.14
C PHE D 170 -18.35 3.19 -22.94
N THR D 171 -18.22 3.06 -24.26
CA THR D 171 -18.19 4.17 -25.18
C THR D 171 -19.49 4.28 -25.96
N VAL D 172 -19.87 5.52 -26.27
CA VAL D 172 -21.07 5.85 -27.03
C VAL D 172 -20.72 6.90 -28.07
N GLU D 173 -21.29 6.78 -29.26
CA GLU D 173 -21.02 7.67 -30.38
C GLU D 173 -22.28 8.46 -30.71
N LYS D 174 -22.68 9.35 -29.80
CA LYS D 174 -23.87 10.15 -29.96
C LYS D 174 -23.53 11.53 -30.52
N ASP D 175 -24.50 12.14 -31.21
CA ASP D 175 -24.36 13.46 -31.82
C ASP D 175 -23.18 13.55 -32.78
N GLY D 176 -22.73 12.41 -33.29
CA GLY D 176 -21.54 12.38 -34.12
C GLY D 176 -20.24 12.49 -33.36
N LYS D 177 -20.27 12.42 -32.04
CA LYS D 177 -19.08 12.51 -31.20
C LYS D 177 -18.96 11.25 -30.34
N LYS D 178 -17.73 10.91 -29.97
CA LYS D 178 -17.46 9.81 -29.06
C LYS D 178 -17.49 10.31 -27.62
N HIS D 179 -18.39 9.75 -26.81
CA HIS D 179 -18.49 10.06 -25.40
C HIS D 179 -18.43 8.78 -24.59
N ARG D 180 -18.15 8.93 -23.29
CA ARG D 180 -17.91 7.79 -22.41
C ARG D 180 -18.84 7.86 -21.20
N LEU D 181 -19.56 6.78 -20.96
CA LEU D 181 -20.45 6.64 -19.82
C LEU D 181 -19.91 5.62 -18.82
N ILE D 182 -20.28 5.80 -17.55
CA ILE D 182 -19.99 4.82 -16.52
C ILE D 182 -21.24 4.64 -15.66
N ASN D 183 -21.41 3.43 -15.13
CA ASN D 183 -22.60 3.07 -14.36
C ASN D 183 -22.47 3.49 -12.90
N VAL D 184 -22.29 4.80 -12.71
CA VAL D 184 -22.12 5.38 -11.38
C VAL D 184 -23.18 6.45 -11.17
N PHE D 185 -23.85 6.39 -10.02
CA PHE D 185 -24.89 7.32 -9.62
C PHE D 185 -24.79 7.50 -8.11
N PRO D 186 -25.29 8.61 -7.58
CA PRO D 186 -25.24 8.83 -6.13
C PRO D 186 -26.25 7.94 -5.42
N THR D 187 -25.88 7.52 -4.20
CA THR D 187 -26.80 6.73 -3.39
C THR D 187 -28.05 7.52 -3.02
N SER D 188 -27.97 8.85 -3.00
CA SER D 188 -29.16 9.67 -2.79
C SER D 188 -30.15 9.49 -3.94
N ALA D 189 -29.65 9.33 -5.16
CA ALA D 189 -30.53 9.09 -6.30
C ALA D 189 -31.19 7.72 -6.21
N TYR D 190 -30.39 6.67 -5.93
CA TYR D 190 -30.95 5.34 -5.75
C TYR D 190 -31.97 5.32 -4.62
N ARG D 191 -31.68 6.04 -3.52
CA ARG D 191 -32.64 6.13 -2.43
C ARG D 191 -33.91 6.81 -2.88
N SER D 192 -33.80 7.99 -3.49
CA SER D 192 -34.95 8.68 -4.06
C SER D 192 -35.77 7.75 -4.94
N GLU D 193 -35.11 7.09 -5.90
CA GLU D 193 -35.80 6.15 -6.77
C GLU D 193 -36.46 5.03 -5.98
N ALA D 194 -35.70 4.36 -5.12
CA ALA D 194 -36.23 3.24 -4.33
C ALA D 194 -37.47 3.65 -3.54
N LEU D 195 -37.42 4.82 -2.91
CA LEU D 195 -38.55 5.28 -2.10
C LEU D 195 -39.78 5.52 -2.96
N ARG D 196 -39.60 6.08 -4.16
CA ARG D 196 -40.72 6.27 -5.06
C ARG D 196 -41.35 4.94 -5.46
N ILE D 197 -40.52 3.97 -5.85
CA ILE D 197 -41.01 2.64 -6.21
C ILE D 197 -41.87 2.08 -5.10
N LEU D 198 -41.36 2.12 -3.87
CA LEU D 198 -42.01 1.42 -2.76
C LEU D 198 -43.29 2.12 -2.32
N GLN D 199 -43.32 3.45 -2.35
CA GLN D 199 -44.56 4.17 -2.06
C GLN D 199 -45.62 3.86 -3.11
N THR D 200 -45.24 3.99 -4.39
CA THR D 200 -46.15 3.64 -5.48
C THR D 200 -46.67 2.22 -5.32
N GLN D 201 -45.87 1.32 -4.74
CA GLN D 201 -46.35 -0.03 -4.45
C GLN D 201 -47.25 -0.06 -3.23
N GLN D 202 -47.06 0.87 -2.28
CA GLN D 202 -47.95 0.95 -1.13
C GLN D 202 -49.36 1.29 -1.56
N GLU D 203 -49.50 2.11 -2.61
CA GLU D 203 -50.81 2.44 -3.14
C GLU D 203 -51.58 1.23 -3.62
N PHE D 204 -50.89 0.09 -3.81
CA PHE D 204 -51.54 -1.14 -4.25
C PHE D 204 -51.67 -2.15 -3.12
N ASN D 205 -51.44 -1.73 -1.87
CA ASN D 205 -52.00 -2.28 -0.64
C ASN D 205 -51.45 -3.59 -0.05
N PRO D 206 -50.27 -4.13 -0.48
CA PRO D 206 -49.87 -5.42 0.11
C PRO D 206 -49.29 -5.30 1.52
N GLN D 207 -48.39 -6.22 1.88
CA GLN D 207 -47.68 -6.21 3.15
C GLN D 207 -46.56 -5.18 3.20
N ILE D 208 -46.58 -4.17 2.32
CA ILE D 208 -45.55 -3.15 2.33
C ILE D 208 -45.88 -2.19 3.46
N THR D 209 -45.33 -2.45 4.64
CA THR D 209 -45.49 -1.55 5.77
C THR D 209 -44.70 -0.27 5.49
N ASP D 210 -44.72 0.64 6.47
CA ASP D 210 -43.74 1.71 6.48
C ASP D 210 -42.43 1.29 7.11
N GLU D 211 -42.47 0.29 8.00
CA GLU D 211 -41.23 -0.27 8.53
C GLU D 211 -40.50 -1.10 7.49
N PHE D 212 -41.24 -1.72 6.56
CA PHE D 212 -40.60 -2.36 5.41
C PHE D 212 -39.75 -1.37 4.63
N ILE D 213 -40.33 -0.19 4.35
CA ILE D 213 -39.63 0.80 3.52
C ILE D 213 -38.41 1.36 4.27
N ASN D 214 -38.56 1.61 5.57
CA ASN D 214 -37.43 2.10 6.35
C ASN D 214 -36.32 1.07 6.40
N ARG D 215 -36.67 -0.18 6.70
CA ARG D 215 -35.65 -1.23 6.80
C ARG D 215 -34.96 -1.46 5.45
N TYR D 216 -35.71 -1.35 4.36
CA TYR D 216 -35.08 -1.54 3.05
C TYR D 216 -34.10 -0.40 2.76
N LEU D 217 -34.50 0.84 3.00
CA LEU D 217 -33.61 1.96 2.74
C LEU D 217 -32.37 1.93 3.63
N GLU D 218 -32.46 1.30 4.81
CA GLU D 218 -31.26 1.09 5.61
C GLU D 218 -30.34 0.06 4.98
N ILE D 219 -30.91 -1.04 4.46
CA ILE D 219 -30.10 -2.02 3.73
C ILE D 219 -29.42 -1.35 2.54
N LEU D 220 -30.23 -0.72 1.69
CA LEU D 220 -29.73 -0.06 0.49
C LEU D 220 -28.63 0.94 0.83
N THR D 221 -28.95 1.94 1.64
CA THR D 221 -28.09 3.10 1.82
C THR D 221 -27.24 3.05 3.09
N GLY D 222 -27.38 1.99 3.90
CA GLY D 222 -26.66 1.94 5.16
C GLY D 222 -25.17 1.74 4.96
N LYS D 223 -24.40 2.34 5.87
CA LYS D 223 -22.94 2.35 5.74
C LYS D 223 -22.34 2.44 7.14
N ARG D 224 -21.14 1.88 7.27
CA ARG D 224 -20.39 2.02 8.51
C ARG D 224 -19.61 3.34 8.50
N LYS D 225 -19.15 3.73 9.69
CA LYS D 225 -18.33 4.93 9.85
C LYS D 225 -16.85 4.57 9.75
N TYR D 226 -16.06 5.48 9.17
CA TYR D 226 -14.64 5.21 9.02
C TYR D 226 -13.94 5.05 10.36
N TYR D 227 -14.53 5.57 11.44
CA TYR D 227 -13.92 5.49 12.77
C TYR D 227 -14.58 4.44 13.65
N HIS D 228 -15.35 3.51 13.07
CA HIS D 228 -15.89 2.38 13.81
C HIS D 228 -15.44 1.06 13.24
N GLY D 229 -15.42 0.92 11.92
CA GLY D 229 -14.93 -0.28 11.28
C GLY D 229 -15.86 -1.46 11.41
N PRO D 230 -15.32 -2.66 11.30
CA PRO D 230 -16.16 -3.87 11.29
C PRO D 230 -16.54 -4.36 12.68
N GLY D 231 -17.58 -5.16 12.67
CA GLY D 231 -18.10 -5.83 13.80
C GLY D 231 -19.31 -5.19 14.37
N ASN D 232 -19.86 -5.88 15.32
CA ASN D 232 -20.97 -5.43 16.12
C ASN D 232 -20.69 -5.83 17.57
N GLU D 233 -21.72 -5.94 18.38
CA GLU D 233 -21.49 -6.26 19.75
C GLU D 233 -21.09 -7.69 20.00
N LYS D 234 -21.47 -8.57 19.09
CA LYS D 234 -21.16 -9.96 19.15
C LYS D 234 -20.00 -10.30 18.27
N SER D 235 -19.85 -9.63 17.14
CA SER D 235 -18.70 -9.89 16.29
C SER D 235 -17.57 -9.02 16.73
N ARG D 236 -16.75 -9.54 17.61
CA ARG D 236 -15.60 -8.82 18.16
C ARG D 236 -14.41 -8.99 17.24
N THR D 237 -13.85 -7.87 16.78
CA THR D 237 -12.72 -7.89 15.85
C THR D 237 -11.84 -6.69 16.12
N ASP D 238 -10.54 -6.93 16.37
CA ASP D 238 -9.62 -5.86 16.73
C ASP D 238 -9.24 -4.98 15.55
N TYR D 239 -9.73 -5.25 14.34
CA TYR D 239 -9.67 -4.27 13.27
C TYR D 239 -10.66 -3.14 13.48
N GLY D 240 -11.73 -3.40 14.24
CA GLY D 240 -12.78 -2.43 14.39
C GLY D 240 -13.00 -1.95 15.80
N ARG D 241 -14.16 -1.36 16.05
CA ARG D 241 -14.41 -0.67 17.31
C ARG D 241 -14.69 -1.64 18.46
N TYR D 242 -15.40 -2.73 18.18
CA TYR D 242 -15.78 -3.70 19.22
C TYR D 242 -14.59 -4.63 19.44
N ARG D 243 -13.68 -4.18 20.30
CA ARG D 243 -12.43 -4.88 20.54
C ARG D 243 -12.69 -6.26 21.14
N THR D 244 -11.72 -7.15 20.96
CA THR D 244 -11.85 -8.51 21.47
C THR D 244 -11.64 -8.58 22.98
N SER D 245 -11.04 -7.56 23.59
CA SER D 245 -10.89 -7.56 25.04
C SER D 245 -12.18 -7.22 25.76
N GLY D 246 -13.16 -6.64 25.07
CA GLY D 246 -14.39 -6.18 25.67
C GLY D 246 -14.63 -4.69 25.54
N GLU D 247 -13.58 -3.89 25.42
CA GLU D 247 -13.74 -2.46 25.21
C GLU D 247 -14.52 -2.20 23.92
N THR D 248 -15.23 -1.07 23.90
CA THR D 248 -15.94 -0.58 22.72
C THR D 248 -15.49 0.86 22.54
N LEU D 249 -14.51 1.06 21.67
CA LEU D 249 -13.92 2.38 21.49
C LEU D 249 -14.93 3.35 20.90
N ASP D 250 -14.79 4.62 21.26
CA ASP D 250 -15.56 5.66 20.59
C ASP D 250 -15.06 5.84 19.16
N ASN D 251 -13.74 5.82 18.98
CA ASN D 251 -13.10 6.04 17.69
C ASN D 251 -11.88 5.13 17.63
N ILE D 252 -11.77 4.36 16.54
CA ILE D 252 -10.69 3.38 16.42
C ILE D 252 -9.34 4.01 16.17
N PHE D 253 -9.29 5.33 15.93
CA PHE D 253 -8.02 6.02 15.69
C PHE D 253 -7.47 6.70 16.93
N GLY D 254 -8.24 6.76 18.01
CA GLY D 254 -7.72 7.30 19.25
C GLY D 254 -6.54 6.53 19.79
N ILE D 255 -6.56 5.20 19.63
CA ILE D 255 -5.44 4.36 20.09
C ILE D 255 -4.25 4.41 19.15
N LEU D 256 -4.37 5.07 18.01
CA LEU D 256 -3.25 5.26 17.09
C LEU D 256 -2.49 6.56 17.31
N ILE D 257 -3.03 7.46 18.14
CA ILE D 257 -2.34 8.70 18.51
C ILE D 257 -0.97 8.34 19.05
N GLY D 258 0.02 9.18 18.74
CA GLY D 258 1.36 8.95 19.24
C GLY D 258 1.44 9.11 20.76
N LYS D 259 2.56 8.66 21.30
CA LYS D 259 2.82 8.76 22.73
C LYS D 259 3.78 9.90 23.00
N CYS D 260 3.94 10.23 24.28
CA CYS D 260 4.79 11.33 24.67
C CYS D 260 6.26 11.00 24.39
N THR D 261 7.03 12.02 24.02
CA THR D 261 8.46 11.83 23.77
C THR D 261 9.17 11.30 25.00
N PHE D 262 8.75 11.74 26.19
CA PHE D 262 9.44 11.40 27.42
C PHE D 262 8.62 10.55 28.39
N TYR D 263 7.30 10.58 28.31
CA TYR D 263 6.48 9.66 29.10
C TYR D 263 5.79 8.69 28.16
N PRO D 264 6.48 7.64 27.72
CA PRO D 264 5.97 6.81 26.61
C PRO D 264 4.62 6.15 26.87
N ASP D 265 4.12 6.16 28.11
CA ASP D 265 2.79 5.66 28.42
C ASP D 265 1.78 6.79 28.57
N GLU D 266 2.10 7.97 28.07
CA GLU D 266 1.19 9.10 28.08
C GLU D 266 0.87 9.49 26.64
N PHE D 267 -0.41 9.51 26.31
CA PHE D 267 -0.81 9.91 24.97
C PHE D 267 -0.45 11.38 24.73
N ARG D 268 -0.20 11.70 23.47
CA ARG D 268 0.15 13.05 23.10
C ARG D 268 -1.00 14.02 23.41
N ALA D 269 -0.69 15.30 23.36
CA ALA D 269 -1.66 16.35 23.60
C ALA D 269 -2.03 17.02 22.28
N ALA D 270 -3.32 17.30 22.10
CA ALA D 270 -3.76 18.02 20.91
C ALA D 270 -3.08 19.38 20.85
N LYS D 271 -2.77 19.81 19.62
CA LYS D 271 -2.16 21.11 19.45
C LYS D 271 -3.14 22.26 19.68
N ALA D 272 -4.44 21.98 19.69
CA ALA D 272 -5.45 22.96 20.04
C ALA D 272 -5.80 22.95 21.52
N SER D 273 -5.25 22.00 22.28
CA SER D 273 -5.44 22.01 23.73
C SER D 273 -4.85 23.28 24.32
N TYR D 274 -5.35 23.65 25.49
CA TYR D 274 -4.80 24.81 26.18
C TYR D 274 -3.34 24.59 26.55
N THR D 275 -3.05 23.45 27.19
CA THR D 275 -1.70 23.15 27.68
C THR D 275 -0.68 23.27 26.56
N ALA D 276 -0.95 22.64 25.41
CA ALA D 276 0.01 22.67 24.31
C ALA D 276 0.17 24.09 23.75
N GLN D 277 -0.92 24.85 23.70
CA GLN D 277 -0.82 26.25 23.30
C GLN D 277 0.04 27.04 24.28
N GLU D 278 -0.20 26.85 25.57
CA GLU D 278 0.57 27.55 26.59
C GLU D 278 2.06 27.21 26.49
N PHE D 279 2.38 25.92 26.48
CA PHE D 279 3.77 25.48 26.38
C PHE D 279 4.45 26.06 25.15
N ASN D 280 3.77 26.01 24.00
CA ASN D 280 4.38 26.43 22.74
C ASN D 280 4.72 27.91 22.75
N LEU D 281 3.83 28.74 23.28
CA LEU D 281 4.07 30.18 23.25
C LEU D 281 5.18 30.58 24.22
N LEU D 282 5.23 29.94 25.39
CA LEU D 282 6.31 30.20 26.34
C LEU D 282 7.67 29.86 25.73
N ASN D 283 7.81 28.64 25.22
CA ASN D 283 9.07 28.26 24.57
C ASN D 283 9.38 29.15 23.38
N ASP D 284 8.35 29.71 22.75
CA ASP D 284 8.58 30.73 21.72
C ASP D 284 9.18 31.99 22.32
N LEU D 285 8.68 32.42 23.48
CA LEU D 285 9.11 33.68 24.08
C LEU D 285 10.50 33.59 24.70
N ASN D 286 10.78 32.50 25.42
CA ASN D 286 12.09 32.33 26.04
C ASN D 286 13.20 32.30 25.00
N ASN D 287 12.90 31.88 23.77
CA ASN D 287 13.89 31.87 22.71
C ASN D 287 14.15 33.25 22.14
N LEU D 288 13.30 34.23 22.43
CA LEU D 288 13.53 35.57 21.94
C LEU D 288 14.71 36.22 22.67
N THR D 289 15.23 37.30 22.09
CA THR D 289 16.31 38.07 22.68
C THR D 289 15.96 39.54 22.57
N VAL D 290 15.82 40.21 23.71
CA VAL D 290 15.25 41.54 23.78
C VAL D 290 16.18 42.48 24.54
N PRO D 291 16.16 43.77 24.26
CA PRO D 291 16.95 44.71 25.06
C PRO D 291 16.44 44.82 26.49
N THR D 292 16.86 43.89 27.35
CA THR D 292 16.53 43.96 28.77
C THR D 292 17.80 43.84 29.61
N GLU D 293 17.65 43.77 30.93
CA GLU D 293 18.80 43.57 31.80
C GLU D 293 19.45 42.21 31.55
N THR D 294 18.63 41.17 31.36
CA THR D 294 19.11 39.82 31.09
C THR D 294 19.01 39.46 29.62
N LYS D 295 18.68 40.41 28.76
CA LYS D 295 18.54 40.21 27.32
C LYS D 295 17.36 39.32 26.96
N LYS D 296 16.74 38.70 27.96
CA LYS D 296 15.55 37.90 27.78
C LYS D 296 14.43 38.45 28.66
N LEU D 297 13.22 38.00 28.40
CA LEU D 297 12.06 38.50 29.13
C LEU D 297 12.02 37.93 30.55
N SER D 298 11.13 38.49 31.37
CA SER D 298 10.97 38.12 32.76
C SER D 298 9.66 37.41 32.98
N LYS D 299 9.56 36.71 34.12
CA LYS D 299 8.34 35.97 34.44
C LYS D 299 7.12 36.89 34.42
N GLU D 300 7.23 38.08 35.02
CA GLU D 300 6.12 39.02 34.97
C GLU D 300 5.87 39.51 33.56
N GLN D 301 6.92 39.64 32.74
CA GLN D 301 6.73 40.07 31.36
C GLN D 301 5.99 39.03 30.54
N LYS D 302 6.33 37.76 30.71
CA LYS D 302 5.62 36.69 29.99
C LYS D 302 4.12 36.76 30.27
N ASN D 303 3.75 36.95 31.54
CA ASN D 303 2.36 36.85 31.94
C ASN D 303 1.50 37.89 31.23
N GLN D 304 2.00 39.11 31.09
CA GLN D 304 1.22 40.15 30.41
C GLN D 304 0.95 39.77 28.96
N ILE D 305 1.98 39.26 28.26
CA ILE D 305 1.80 38.89 26.85
C ILE D 305 0.83 37.72 26.73
N ILE D 306 1.08 36.65 27.49
CA ILE D 306 0.12 35.54 27.57
C ILE D 306 -1.28 36.06 27.82
N ASN D 307 -1.41 37.03 28.73
CA ASN D 307 -2.72 37.55 29.08
C ASN D 307 -3.25 38.49 28.02
N TYR D 308 -2.37 39.29 27.41
CA TYR D 308 -2.81 40.22 26.37
C TYR D 308 -3.42 39.48 25.19
N VAL D 309 -2.67 38.54 24.60
CA VAL D 309 -3.15 37.86 23.41
C VAL D 309 -4.36 36.99 23.71
N LYS D 310 -4.43 36.41 24.92
CA LYS D 310 -5.60 35.63 25.31
C LYS D 310 -6.86 36.47 25.28
N ASN D 311 -6.73 37.78 25.54
CA ASN D 311 -7.88 38.66 25.68
C ASN D 311 -8.09 39.56 24.47
N GLU D 312 -7.13 39.64 23.54
CA GLU D 312 -7.32 40.39 22.32
C GLU D 312 -7.98 39.48 21.28
N LYS D 313 -8.97 40.02 20.57
CA LYS D 313 -9.75 39.19 19.65
C LYS D 313 -8.91 38.76 18.46
N ALA D 314 -8.50 39.71 17.62
CA ALA D 314 -7.65 39.42 16.46
C ALA D 314 -6.19 39.51 16.88
N MET D 315 -5.43 38.44 16.60
CA MET D 315 -4.02 38.38 16.96
C MET D 315 -3.26 37.72 15.82
N GLY D 316 -2.37 38.48 15.20
CA GLY D 316 -1.52 37.97 14.16
C GLY D 316 -0.10 37.76 14.65
N PRO D 317 0.82 37.46 13.74
CA PRO D 317 2.23 37.29 14.13
C PRO D 317 2.89 38.61 14.52
N ALA D 318 2.76 39.62 13.67
CA ALA D 318 3.46 40.88 13.91
C ALA D 318 2.73 41.78 14.90
N LYS D 319 1.40 41.66 15.00
CA LYS D 319 0.68 42.44 15.99
C LYS D 319 1.14 42.11 17.40
N LEU D 320 1.46 40.83 17.64
CA LEU D 320 2.04 40.45 18.93
C LEU D 320 3.38 41.12 19.14
N PHE D 321 4.19 41.21 18.08
CA PHE D 321 5.51 41.84 18.21
C PHE D 321 5.39 43.34 18.46
N LYS D 322 4.35 43.98 17.93
CA LYS D 322 4.09 45.37 18.28
C LYS D 322 3.84 45.53 19.77
N TYR D 323 3.18 44.54 20.39
CA TYR D 323 2.96 44.57 21.83
C TYR D 323 4.26 44.35 22.60
N ILE D 324 5.19 43.58 22.03
CA ILE D 324 6.49 43.43 22.66
C ILE D 324 7.27 44.73 22.59
N ALA D 325 7.03 45.53 21.54
CA ALA D 325 7.73 46.80 21.41
C ALA D 325 7.27 47.80 22.46
N LYS D 326 5.99 47.77 22.83
CA LYS D 326 5.49 48.68 23.86
C LYS D 326 6.13 48.40 25.21
N LEU D 327 6.34 47.13 25.54
CA LEU D 327 7.00 46.73 26.78
C LEU D 327 8.52 46.85 26.70
N LEU D 328 9.02 47.90 26.06
CA LEU D 328 10.46 48.12 25.94
C LEU D 328 10.76 49.58 25.62
N ASP D 331 10.87 48.59 20.73
CA ASP D 331 11.55 48.56 19.44
C ASP D 331 11.45 47.17 18.83
N VAL D 332 10.69 47.06 17.74
CA VAL D 332 10.36 45.76 17.18
C VAL D 332 11.56 45.14 16.46
N ALA D 333 12.38 45.95 15.78
CA ALA D 333 13.55 45.44 15.09
C ALA D 333 14.70 45.14 16.04
N ASP D 334 14.51 45.31 17.35
CA ASP D 334 15.47 44.92 18.35
C ASP D 334 15.19 43.55 18.95
N ILE D 335 14.19 42.84 18.42
CA ILE D 335 13.82 41.51 18.91
C ILE D 335 14.44 40.48 17.98
N LYS D 336 15.09 39.48 18.55
CA LYS D 336 15.80 38.48 17.77
C LYS D 336 15.55 37.09 18.35
N GLY D 337 15.80 36.07 17.57
CA GLY D 337 15.62 34.71 18.03
C GLY D 337 14.25 34.14 17.85
N TYR D 338 13.66 34.36 16.66
CA TYR D 338 12.32 33.91 16.35
C TYR D 338 12.16 33.06 15.09
N ARG D 339 11.27 32.08 15.11
CA ARG D 339 11.00 31.26 13.94
C ARG D 339 10.63 32.15 12.75
N ILE D 340 10.94 31.66 11.54
CA ILE D 340 10.76 32.44 10.33
C ILE D 340 9.87 31.67 9.36
N ASP D 341 9.20 32.43 8.48
CA ASP D 341 8.39 31.88 7.42
C ASP D 341 9.30 31.40 6.28
N LYS D 342 8.71 30.61 5.37
CA LYS D 342 9.44 30.17 4.19
C LYS D 342 9.92 31.35 3.35
N SER D 343 9.09 32.40 3.24
CA SER D 343 9.42 33.57 2.45
C SER D 343 10.13 34.65 3.26
N GLY D 344 10.47 34.38 4.51
CA GLY D 344 11.22 35.30 5.33
C GLY D 344 10.41 36.05 6.38
N LYS D 345 9.10 35.89 6.40
CA LYS D 345 8.29 36.55 7.42
C LYS D 345 8.54 35.90 8.78
N ALA D 346 8.45 36.71 9.83
CA ALA D 346 8.51 36.13 11.17
C ALA D 346 7.17 35.50 11.53
N GLU D 347 7.23 34.55 12.42
CA GLU D 347 6.06 33.83 12.86
C GLU D 347 6.18 33.50 14.33
N ILE D 348 5.04 33.38 15.00
CA ILE D 348 5.03 33.07 16.41
C ILE D 348 3.70 32.47 16.84
N HIS D 349 3.67 31.87 18.00
CA HIS D 349 2.43 31.30 18.49
C HIS D 349 1.40 32.35 18.89
N THR D 350 0.14 32.04 18.69
CA THR D 350 -0.92 33.00 18.97
C THR D 350 -2.10 32.54 19.81
N PHE D 351 -2.09 31.32 20.33
CA PHE D 351 -3.23 30.85 21.12
C PHE D 351 -4.43 30.93 20.20
N GLU D 352 -4.21 30.68 18.94
CA GLU D 352 -5.24 30.78 17.94
C GLU D 352 -6.37 29.89 18.18
N ALA D 353 -6.07 28.70 18.65
CA ALA D 353 -7.12 27.76 18.92
C ALA D 353 -8.01 28.33 19.97
N TYR D 354 -7.42 28.87 21.01
CA TYR D 354 -8.13 29.43 22.12
C TYR D 354 -8.95 30.62 21.77
N ARG D 355 -8.39 31.51 21.00
CA ARG D 355 -9.13 32.69 20.57
C ARG D 355 -10.41 32.28 19.84
N LYS D 356 -10.28 31.46 18.80
CA LYS D 356 -11.43 31.05 18.02
C LYS D 356 -12.46 30.27 18.85
N MET D 357 -12.06 29.77 20.02
CA MET D 357 -13.02 29.07 20.87
C MET D 357 -13.84 30.03 21.72
N LYS D 358 -13.28 31.17 22.11
CA LYS D 358 -14.06 32.18 22.83
C LYS D 358 -15.23 32.68 22.00
N THR D 359 -15.14 32.61 20.67
CA THR D 359 -16.23 32.98 19.78
C THR D 359 -17.47 32.10 19.96
N LEU D 360 -17.36 31.01 20.71
CA LEU D 360 -18.53 30.19 21.00
C LEU D 360 -19.51 30.97 21.86
N GLU D 361 -20.78 30.96 21.45
CA GLU D 361 -21.81 31.71 22.15
C GLU D 361 -22.48 30.90 23.25
N THR D 362 -22.80 29.63 22.96
CA THR D 362 -23.51 28.76 23.89
C THR D 362 -22.57 28.15 24.94
N LEU D 363 -21.29 28.50 24.91
CA LEU D 363 -20.34 28.18 25.96
C LEU D 363 -19.45 29.40 26.19
N ASP D 364 -18.46 29.22 27.06
CA ASP D 364 -17.38 30.20 27.19
C ASP D 364 -16.17 29.47 27.74
N ILE D 365 -15.09 29.43 26.95
CA ILE D 365 -13.87 28.73 27.36
C ILE D 365 -13.40 29.22 28.72
N GLU D 366 -13.72 30.46 29.08
CA GLU D 366 -13.37 30.97 30.39
C GLU D 366 -14.16 30.31 31.52
N GLN D 367 -15.26 29.64 31.20
CA GLN D 367 -16.01 28.96 32.24
C GLN D 367 -15.49 27.54 32.46
N MET D 368 -14.55 27.13 31.63
CA MET D 368 -13.97 25.79 31.75
C MET D 368 -12.54 25.88 32.26
N ASP D 369 -12.15 24.88 33.04
CA ASP D 369 -10.80 24.81 33.58
C ASP D 369 -9.82 24.32 32.52
N ARG D 370 -8.64 23.88 32.94
CA ARG D 370 -7.62 23.43 31.99
C ARG D 370 -7.98 22.07 31.40
N GLU D 371 -8.16 21.05 32.26
CA GLU D 371 -8.25 19.69 31.75
C GLU D 371 -9.61 19.38 31.12
N THR D 372 -10.61 20.25 31.25
CA THR D 372 -11.80 20.16 30.41
C THR D 372 -11.71 21.03 29.16
N LEU D 373 -10.78 21.98 29.13
CA LEU D 373 -10.45 22.67 27.89
C LEU D 373 -9.47 21.84 27.07
N ASP D 374 -8.48 21.23 27.73
CA ASP D 374 -7.60 20.28 27.06
C ASP D 374 -8.40 19.13 26.46
N LYS D 375 -9.39 18.64 27.17
CA LYS D 375 -10.25 17.57 26.70
C LYS D 375 -11.07 17.94 25.52
N LEU D 376 -11.53 19.17 25.47
CA LEU D 376 -12.34 19.59 24.33
C LEU D 376 -11.55 19.57 23.03
N ALA D 377 -10.24 19.82 23.11
CA ALA D 377 -9.41 19.70 21.92
C ALA D 377 -9.20 18.23 21.54
N TYR D 378 -9.20 17.33 22.51
CA TYR D 378 -9.07 15.91 22.21
C TYR D 378 -10.31 15.40 21.48
N VAL D 379 -11.50 15.85 21.88
CA VAL D 379 -12.72 15.39 21.23
C VAL D 379 -12.87 16.01 19.85
N LEU D 380 -12.56 17.31 19.72
CA LEU D 380 -12.75 18.02 18.46
C LEU D 380 -11.63 17.78 17.45
N THR D 381 -10.49 17.24 17.86
CA THR D 381 -9.41 16.98 16.92
C THR D 381 -9.53 15.60 16.29
N LEU D 382 -9.74 14.58 17.12
CA LEU D 382 -9.83 13.21 16.63
C LEU D 382 -11.12 12.97 15.84
N ASN D 383 -12.21 13.64 16.24
CA ASN D 383 -13.51 13.43 15.64
C ASN D 383 -13.80 14.52 14.62
N THR D 384 -14.43 14.12 13.50
CA THR D 384 -14.66 15.01 12.38
C THR D 384 -16.11 15.06 11.92
N GLU D 385 -16.99 14.24 12.49
CA GLU D 385 -18.37 14.17 12.04
C GLU D 385 -19.31 14.31 13.24
N ARG D 386 -20.57 14.61 12.95
CA ARG D 386 -21.54 14.89 14.01
C ARG D 386 -21.70 13.71 14.95
N GLU D 387 -21.99 12.53 14.40
CA GLU D 387 -22.29 11.36 15.23
C GLU D 387 -21.10 10.92 16.07
N GLY D 388 -19.89 11.32 15.69
CA GLY D 388 -18.69 10.96 16.43
C GLY D 388 -18.36 11.94 17.55
N ILE D 389 -18.57 13.23 17.30
CA ILE D 389 -18.37 14.23 18.35
C ILE D 389 -19.40 14.03 19.46
N GLN D 390 -20.67 13.90 19.07
CA GLN D 390 -21.74 13.76 20.05
C GLN D 390 -21.52 12.55 20.95
N GLU D 391 -20.95 11.47 20.42
CA GLU D 391 -20.72 10.28 21.24
C GLU D 391 -19.57 10.51 22.22
N ALA D 392 -18.45 11.07 21.76
CA ALA D 392 -17.31 11.29 22.64
C ALA D 392 -17.62 12.28 23.76
N LEU D 393 -18.47 13.27 23.49
CA LEU D 393 -18.84 14.22 24.53
C LEU D 393 -19.60 13.54 25.67
N GLU D 394 -20.43 12.55 25.33
CA GLU D 394 -21.17 11.83 26.36
C GLU D 394 -20.26 10.90 27.15
N HIS D 395 -19.34 10.21 26.47
CA HIS D 395 -18.55 9.15 27.09
C HIS D 395 -17.24 9.63 27.70
N GLU D 396 -16.81 10.86 27.40
CA GLU D 396 -15.62 11.41 28.04
C GLU D 396 -15.93 12.49 29.06
N PHE D 397 -17.05 13.19 28.92
CA PHE D 397 -17.46 14.22 29.86
C PHE D 397 -18.65 13.73 30.67
N ALA D 398 -18.65 14.05 31.96
CA ALA D 398 -19.67 13.55 32.88
C ALA D 398 -21.07 13.87 32.36
N ASP D 399 -22.02 13.00 32.72
CA ASP D 399 -23.36 13.09 32.17
C ASP D 399 -23.99 14.44 32.50
N GLY D 400 -24.65 15.03 31.52
CA GLY D 400 -25.20 16.37 31.66
C GLY D 400 -24.20 17.49 31.59
N SER D 401 -22.95 17.21 31.19
CA SER D 401 -21.97 18.28 31.03
C SER D 401 -22.21 19.11 29.78
N PHE D 402 -23.03 18.62 28.85
CA PHE D 402 -23.28 19.31 27.60
C PHE D 402 -24.74 19.15 27.22
N SER D 403 -25.32 20.24 26.71
CA SER D 403 -26.70 20.24 26.25
C SER D 403 -26.75 19.96 24.75
N GLN D 404 -27.91 19.43 24.32
CA GLN D 404 -28.14 19.24 22.89
C GLN D 404 -27.97 20.55 22.13
N LYS D 405 -28.28 21.68 22.75
CA LYS D 405 -28.05 22.96 22.09
C LYS D 405 -26.57 23.28 22.04
N GLN D 406 -25.82 22.92 23.07
CA GLN D 406 -24.39 23.23 23.11
C GLN D 406 -23.56 22.28 22.24
N VAL D 407 -23.97 21.01 22.13
CA VAL D 407 -23.25 20.10 21.23
C VAL D 407 -23.55 20.45 19.78
N ASP D 408 -24.70 21.08 19.52
CA ASP D 408 -25.00 21.55 18.17
C ASP D 408 -23.95 22.56 17.71
N GLU D 409 -23.70 23.59 18.51
CA GLU D 409 -22.75 24.62 18.12
C GLU D 409 -21.34 24.04 17.99
N LEU D 410 -20.96 23.11 18.86
CA LEU D 410 -19.63 22.51 18.78
C LEU D 410 -19.45 21.69 17.50
N VAL D 411 -20.50 21.01 17.05
CA VAL D 411 -20.42 20.29 15.77
C VAL D 411 -20.18 21.27 14.63
N GLN D 412 -21.01 22.31 14.53
CA GLN D 412 -20.82 23.33 13.51
C GLN D 412 -19.50 24.07 13.69
N PHE D 413 -19.00 24.13 14.92
CA PHE D 413 -17.73 24.81 15.17
C PHE D 413 -16.54 23.97 14.72
N ARG D 414 -16.62 22.65 14.92
CA ARG D 414 -15.54 21.77 14.51
C ARG D 414 -15.35 21.79 12.99
N LYS D 415 -16.46 21.76 12.25
CA LYS D 415 -16.37 21.75 10.79
C LYS D 415 -15.97 23.13 10.26
N ALA D 416 -16.47 24.21 10.87
CA ALA D 416 -16.12 25.55 10.43
C ALA D 416 -14.65 25.85 10.60
N ASN D 417 -13.94 25.09 11.43
CA ASN D 417 -12.52 25.30 11.69
C ASN D 417 -11.76 23.98 11.63
N SER D 418 -12.11 23.13 10.66
CA SER D 418 -11.35 21.90 10.42
C SER D 418 -9.89 22.21 10.14
N SER D 419 -9.59 23.36 9.54
CA SER D 419 -8.21 23.73 9.26
C SER D 419 -7.38 23.85 10.53
N ILE D 420 -8.00 24.13 11.67
CA ILE D 420 -7.27 24.25 12.92
C ILE D 420 -7.22 22.93 13.67
N PHE D 421 -8.31 22.17 13.67
CA PHE D 421 -8.35 20.86 14.33
C PHE D 421 -7.85 19.74 13.44
N GLY D 422 -7.48 20.03 12.20
CA GLY D 422 -6.87 19.05 11.33
C GLY D 422 -5.36 19.19 11.32
N LYS D 423 -4.80 19.71 12.42
CA LYS D 423 -3.38 19.97 12.53
C LYS D 423 -2.64 18.95 13.39
N GLY D 424 -3.35 18.04 14.04
CA GLY D 424 -2.71 16.90 14.66
C GLY D 424 -2.46 17.00 16.16
N TRP D 425 -1.27 16.59 16.58
CA TRP D 425 -1.00 16.34 17.99
C TRP D 425 0.42 16.76 18.33
N HIS D 426 0.58 17.33 19.52
CA HIS D 426 1.89 17.73 19.99
C HIS D 426 2.74 16.51 20.30
N ASN D 427 4.07 16.68 20.20
CA ASN D 427 4.96 15.58 20.55
C ASN D 427 4.96 15.31 22.05
N PHE D 428 4.47 16.25 22.85
CA PHE D 428 4.45 16.12 24.30
C PHE D 428 3.05 15.78 24.80
N SER D 429 2.99 14.98 25.87
CA SER D 429 1.76 14.81 26.61
C SER D 429 1.49 16.06 27.44
N VAL D 430 0.27 16.11 28.02
CA VAL D 430 -0.04 17.21 28.92
C VAL D 430 0.77 17.08 30.20
N LYS D 431 0.92 15.85 30.72
CA LYS D 431 1.67 15.62 31.94
C LYS D 431 3.05 16.26 31.89
N LEU D 432 3.77 16.07 30.79
CA LEU D 432 5.12 16.62 30.68
C LEU D 432 5.09 18.15 30.70
N MET D 433 4.19 18.76 29.94
CA MET D 433 4.13 20.22 29.88
C MET D 433 3.71 20.81 31.23
N MET D 434 2.79 20.14 31.93
CA MET D 434 2.43 20.60 33.26
C MET D 434 3.64 20.64 34.20
N GLU D 435 4.65 19.82 33.92
CA GLU D 435 5.92 19.91 34.64
C GLU D 435 6.84 20.97 34.04
N LEU D 436 6.80 21.13 32.72
CA LEU D 436 7.71 22.02 32.02
C LEU D 436 7.18 23.44 31.86
N ILE D 437 5.95 23.72 32.28
CA ILE D 437 5.36 25.04 32.07
C ILE D 437 5.72 26.00 33.20
N PRO D 438 5.53 25.64 34.47
CA PRO D 438 5.99 26.57 35.53
C PRO D 438 7.48 26.87 35.45
N GLU D 439 8.30 25.85 35.20
CA GLU D 439 9.72 26.06 34.99
C GLU D 439 10.00 26.94 33.77
N LEU D 440 9.09 26.96 32.79
CA LEU D 440 9.23 27.86 31.66
C LEU D 440 8.95 29.30 32.03
N TYR D 441 8.00 29.53 32.95
CA TYR D 441 7.75 30.89 33.44
C TYR D 441 8.92 31.39 34.26
N GLU D 442 9.29 30.65 35.31
CA GLU D 442 10.28 31.08 36.27
C GLU D 442 11.68 31.16 35.67
N THR D 443 12.27 30.00 35.36
CA THR D 443 13.70 29.93 35.07
C THR D 443 14.09 30.53 33.72
N SER D 444 13.12 30.84 32.85
CA SER D 444 13.35 31.52 31.58
C SER D 444 14.17 30.69 30.59
N GLU D 445 14.43 29.44 30.89
CA GLU D 445 15.14 28.56 29.96
C GLU D 445 14.16 27.91 29.00
N GLU D 446 14.65 27.55 27.81
CA GLU D 446 13.79 26.90 26.84
C GLU D 446 13.70 25.40 27.13
N GLN D 447 12.87 24.70 26.36
CA GLN D 447 12.41 23.36 26.75
C GLN D 447 13.57 22.38 26.90
N MET D 448 14.58 22.46 26.04
CA MET D 448 15.68 21.50 26.08
C MET D 448 16.56 21.74 27.29
N THR D 449 16.93 23.00 27.55
CA THR D 449 17.71 23.33 28.74
C THR D 449 17.02 22.85 30.01
N ILE D 450 15.71 23.08 30.11
CA ILE D 450 14.95 22.67 31.29
C ILE D 450 15.06 21.17 31.49
N LEU D 451 14.85 20.40 30.41
CA LEU D 451 14.72 18.94 30.53
C LEU D 451 16.00 18.31 31.06
N THR D 452 17.16 18.70 30.50
CA THR D 452 18.43 18.18 30.97
C THR D 452 18.61 18.41 32.47
N ARG D 453 18.27 19.62 32.94
CA ARG D 453 18.34 19.93 34.36
C ARG D 453 17.45 18.98 35.17
N LEU D 454 16.26 18.67 34.66
CA LEU D 454 15.37 17.75 35.36
C LEU D 454 15.86 16.32 35.29
N GLY D 455 16.53 15.95 34.20
CA GLY D 455 16.99 14.59 34.02
C GLY D 455 15.84 13.65 33.70
N TYR D 468 21.07 -6.51 26.93
CA TYR D 468 20.53 -7.00 25.67
C TYR D 468 19.20 -6.36 25.32
N ILE D 469 19.15 -5.76 24.12
CA ILE D 469 17.93 -5.10 23.67
C ILE D 469 16.90 -6.15 23.29
N ASP D 470 15.65 -5.91 23.69
CA ASP D 470 14.53 -6.76 23.27
C ASP D 470 14.03 -6.22 21.94
N GLU D 471 14.44 -6.87 20.84
CA GLU D 471 14.07 -6.39 19.51
C GLU D 471 12.56 -6.35 19.32
N LYS D 472 11.83 -7.25 19.96
CA LYS D 472 10.37 -7.26 19.83
C LYS D 472 9.75 -6.07 20.55
N LEU D 473 10.26 -5.71 21.73
CA LEU D 473 9.71 -4.57 22.46
C LEU D 473 10.04 -3.25 21.78
N LEU D 474 11.24 -3.13 21.20
CA LEU D 474 11.59 -1.93 20.47
C LEU D 474 10.69 -1.74 19.25
N THR D 475 10.25 -2.84 18.64
CA THR D 475 9.37 -2.80 17.48
C THR D 475 7.99 -3.32 17.81
N GLU D 476 7.45 -2.92 18.95
CA GLU D 476 6.10 -3.33 19.32
C GLU D 476 5.05 -2.45 18.67
N GLU D 477 5.14 -1.13 18.86
CA GLU D 477 4.16 -0.22 18.31
C GLU D 477 4.74 0.58 17.15
N ILE D 478 5.40 -0.10 16.22
CA ILE D 478 5.83 0.48 14.96
C ILE D 478 5.13 -0.30 13.86
N TYR D 479 4.15 0.34 13.22
CA TYR D 479 3.28 -0.32 12.26
C TYR D 479 3.81 -0.05 10.86
N ASN D 480 4.83 -0.81 10.48
CA ASN D 480 5.53 -0.71 9.22
C ASN D 480 6.39 -1.96 9.08
N PRO D 481 5.83 -3.06 8.55
CA PRO D 481 6.53 -4.35 8.61
C PRO D 481 7.88 -4.37 7.92
N VAL D 482 8.11 -3.48 6.95
CA VAL D 482 9.43 -3.38 6.33
C VAL D 482 10.44 -2.86 7.35
N VAL D 483 10.16 -1.70 7.94
CA VAL D 483 11.07 -1.11 8.93
C VAL D 483 11.22 -2.04 10.13
N ALA D 484 10.09 -2.43 10.72
CA ALA D 484 10.12 -3.26 11.92
C ALA D 484 10.91 -4.55 11.71
N LYS D 485 10.84 -5.13 10.51
CA LYS D 485 11.66 -6.30 10.23
C LYS D 485 13.13 -5.92 10.12
N SER D 486 13.47 -4.98 9.23
CA SER D 486 14.87 -4.57 9.07
C SER D 486 15.44 -3.98 10.36
N VAL D 487 14.61 -3.58 11.30
CA VAL D 487 15.10 -3.19 12.63
C VAL D 487 15.38 -4.43 13.46
N ARG D 488 14.37 -5.29 13.65
CA ARG D 488 14.53 -6.50 14.44
C ARG D 488 15.74 -7.32 13.99
N GLN D 489 16.08 -7.26 12.71
CA GLN D 489 17.22 -8.01 12.20
C GLN D 489 18.54 -7.39 12.67
N ALA D 490 18.66 -6.06 12.58
CA ALA D 490 19.91 -5.41 12.91
C ALA D 490 20.26 -5.55 14.39
N ILE D 491 19.24 -5.58 15.25
CA ILE D 491 19.49 -5.75 16.69
C ILE D 491 19.80 -7.21 17.01
N LYS D 492 19.12 -8.14 16.33
CA LYS D 492 19.44 -9.56 16.49
C LYS D 492 20.90 -9.87 16.18
N ILE D 493 21.59 -8.98 15.49
CA ILE D 493 23.00 -9.17 15.17
C ILE D 493 23.90 -8.71 16.31
N VAL D 494 23.72 -7.47 16.78
CA VAL D 494 24.54 -6.98 17.88
C VAL D 494 24.35 -7.81 19.14
N ASN D 495 23.13 -8.32 19.35
CA ASN D 495 22.88 -9.24 20.45
C ASN D 495 23.62 -10.56 20.26
N ALA D 496 23.93 -10.91 19.01
CA ALA D 496 24.70 -12.11 18.71
C ALA D 496 26.17 -11.83 18.43
N ALA D 497 26.53 -10.58 18.12
CA ALA D 497 27.94 -10.22 18.00
C ALA D 497 28.57 -10.05 19.36
N ILE D 498 27.88 -9.35 20.28
CA ILE D 498 28.34 -9.24 21.66
C ILE D 498 28.48 -10.63 22.28
N LYS D 499 27.44 -11.46 22.11
CA LYS D 499 27.43 -12.81 22.68
C LYS D 499 28.69 -13.61 22.33
N GLU D 500 29.29 -13.33 21.17
CA GLU D 500 30.44 -14.09 20.71
C GLU D 500 31.71 -13.25 20.54
N TYR D 501 31.66 -11.95 20.85
CA TYR D 501 32.82 -11.09 20.75
C TYR D 501 33.00 -10.17 21.94
N GLY D 502 32.15 -10.28 22.97
CA GLY D 502 32.21 -9.36 24.09
C GLY D 502 31.80 -7.96 23.69
N ASP D 503 31.65 -7.07 24.67
CA ASP D 503 31.25 -5.71 24.38
C ASP D 503 32.23 -5.04 23.43
N PHE D 504 31.70 -4.22 22.53
CA PHE D 504 32.50 -3.57 21.50
C PHE D 504 33.06 -2.26 22.01
N ASP D 505 34.15 -1.82 21.37
CA ASP D 505 34.63 -0.47 21.59
C ASP D 505 33.71 0.56 20.94
N ASN D 506 33.25 0.27 19.72
CA ASN D 506 32.50 1.24 18.95
C ASN D 506 31.53 0.50 18.02
N ILE D 507 30.45 1.18 17.66
CA ILE D 507 29.44 0.64 16.74
C ILE D 507 29.08 1.74 15.76
N VAL D 508 29.35 1.51 14.48
CA VAL D 508 29.16 2.52 13.44
C VAL D 508 27.97 2.10 12.58
N ILE D 509 27.21 3.09 12.13
CA ILE D 509 25.97 2.87 11.37
C ILE D 509 25.93 3.87 10.24
N GLU D 510 25.92 3.40 9.00
CA GLU D 510 25.74 4.29 7.86
C GLU D 510 24.35 4.91 7.91
N MET D 511 24.26 6.19 7.57
CA MET D 511 23.03 6.94 7.64
C MET D 511 22.76 7.58 6.29
N ALA D 512 21.46 7.77 6.00
CA ALA D 512 21.02 8.32 4.73
C ALA D 512 20.51 9.74 4.94
N ARG D 513 21.42 10.62 5.30
CA ARG D 513 21.13 12.04 5.48
C ARG D 513 21.90 12.84 4.44
N GLU D 514 21.83 14.17 4.55
CA GLU D 514 22.55 15.05 3.65
C GLU D 514 23.44 16.00 4.45
N THR D 515 24.42 16.56 3.75
CA THR D 515 25.25 17.66 4.26
C THR D 515 25.37 18.65 3.11
N ASN D 516 24.34 19.46 2.94
CA ASN D 516 24.39 20.51 1.92
C ASN D 516 25.21 21.69 2.43
N GLU D 517 25.81 22.41 1.49
CA GLU D 517 26.60 23.57 1.83
C GLU D 517 25.72 24.83 1.77
N ASP D 518 26.31 25.96 2.10
CA ASP D 518 25.55 27.21 2.16
C ASP D 518 24.90 27.53 0.82
N ASP D 519 25.65 27.42 -0.27
CA ASP D 519 25.05 27.58 -1.60
C ASP D 519 24.02 26.49 -1.87
N GLU D 520 24.22 25.30 -1.29
CA GLU D 520 23.26 24.21 -1.46
C GLU D 520 22.08 24.36 -0.52
N LYS D 521 22.35 24.65 0.76
CA LYS D 521 21.26 24.85 1.72
C LYS D 521 20.37 26.03 1.31
N LYS D 522 20.94 27.03 0.65
CA LYS D 522 20.12 28.12 0.13
C LYS D 522 19.21 27.65 -1.00
N ALA D 523 19.72 26.75 -1.85
CA ALA D 523 18.95 26.29 -3.00
C ALA D 523 17.72 25.49 -2.58
N ILE D 524 17.82 24.74 -1.47
CA ILE D 524 16.70 23.91 -1.02
C ILE D 524 15.50 24.78 -0.67
N GLN D 525 15.69 25.72 0.26
CA GLN D 525 14.58 26.58 0.66
C GLN D 525 14.09 27.46 -0.49
N LYS D 526 14.91 27.65 -1.51
CA LYS D 526 14.44 28.34 -2.72
C LYS D 526 13.32 27.55 -3.40
N ILE D 527 13.47 26.22 -3.46
CA ILE D 527 12.41 25.38 -4.02
C ILE D 527 11.24 25.27 -3.06
N GLN D 528 11.52 24.96 -1.80
CA GLN D 528 10.46 24.79 -0.80
C GLN D 528 9.53 26.00 -0.76
N LYS D 529 10.08 27.20 -0.94
CA LYS D 529 9.25 28.40 -0.99
C LYS D 529 8.46 28.47 -2.29
N ALA D 530 9.09 28.10 -3.41
CA ALA D 530 8.39 28.11 -4.70
C ALA D 530 7.25 27.11 -4.75
N ASN D 531 7.35 26.03 -3.96
CA ASN D 531 6.25 25.08 -3.89
C ASN D 531 5.08 25.65 -3.08
N LYS D 532 5.37 26.17 -1.89
CA LYS D 532 4.32 26.77 -1.08
C LYS D 532 3.69 27.97 -1.78
N ASP D 533 4.46 28.67 -2.61
CA ASP D 533 3.92 29.82 -3.33
C ASP D 533 2.93 29.39 -4.40
N GLU D 534 3.26 28.35 -5.17
CA GLU D 534 2.34 27.92 -6.22
C GLU D 534 1.12 27.20 -5.69
N LYS D 535 1.19 26.68 -4.47
CA LYS D 535 -0.01 26.28 -3.73
C LYS D 535 -0.95 27.46 -3.66
N ASP D 536 -0.53 28.49 -2.92
CA ASP D 536 -1.37 29.68 -2.72
C ASP D 536 -1.70 30.38 -4.03
N ALA D 537 -0.76 30.34 -5.00
CA ALA D 537 -1.07 30.87 -6.33
C ALA D 537 -2.28 30.19 -6.93
N ALA D 538 -2.44 28.88 -6.67
CA ALA D 538 -3.58 28.14 -7.19
C ALA D 538 -4.84 28.38 -6.35
N MET D 539 -4.69 28.48 -5.04
CA MET D 539 -5.81 28.85 -4.18
C MET D 539 -6.35 30.22 -4.59
N LEU D 540 -5.47 31.19 -4.77
CA LEU D 540 -5.86 32.50 -5.28
C LEU D 540 -6.56 32.36 -6.63
N LYS D 541 -5.89 31.71 -7.58
CA LYS D 541 -6.48 31.43 -8.89
C LYS D 541 -7.84 30.74 -8.76
N ALA D 542 -7.99 29.87 -7.76
CA ALA D 542 -9.27 29.22 -7.53
C ALA D 542 -10.31 30.21 -7.00
N ALA D 543 -9.93 31.00 -6.00
CA ALA D 543 -10.88 31.92 -5.38
C ALA D 543 -11.32 33.02 -6.34
N ASN D 544 -10.40 33.50 -7.19
CA ASN D 544 -10.74 34.53 -8.15
C ASN D 544 -11.78 34.04 -9.14
N GLN D 545 -11.71 32.77 -9.54
CA GLN D 545 -12.63 32.24 -10.52
C GLN D 545 -13.89 31.65 -9.89
N TYR D 546 -13.86 31.29 -8.61
CA TYR D 546 -15.06 30.81 -7.95
C TYR D 546 -15.90 31.96 -7.42
N ASN D 547 -15.36 32.71 -6.46
CA ASN D 547 -16.05 33.89 -5.94
C ASN D 547 -15.72 35.14 -6.74
N GLY D 548 -14.46 35.30 -7.14
CA GLY D 548 -13.89 36.61 -7.37
C GLY D 548 -13.20 37.18 -6.15
N LYS D 549 -13.42 36.59 -4.98
CA LYS D 549 -12.79 37.03 -3.74
C LYS D 549 -11.40 36.39 -3.64
N ALA D 550 -10.76 36.55 -2.48
CA ALA D 550 -9.38 36.14 -2.30
C ALA D 550 -9.20 34.79 -1.64
N GLU D 551 -10.18 34.31 -0.89
CA GLU D 551 -10.12 33.00 -0.25
C GLU D 551 -11.32 32.16 -0.70
N LEU D 552 -11.31 30.91 -0.29
CA LEU D 552 -12.43 30.05 -0.65
C LEU D 552 -13.24 29.68 0.58
N PRO D 553 -14.57 29.63 0.47
CA PRO D 553 -15.39 29.30 1.64
C PRO D 553 -15.00 27.94 2.21
N HIS D 554 -15.14 27.83 3.53
CA HIS D 554 -14.77 26.59 4.21
C HIS D 554 -15.81 25.49 4.02
N SER D 555 -16.98 25.85 3.55
CA SER D 555 -18.01 24.88 3.26
C SER D 555 -17.48 24.01 2.12
N VAL D 556 -16.73 24.67 1.26
CA VAL D 556 -16.16 24.12 0.06
C VAL D 556 -15.23 22.92 0.32
N PHE D 557 -14.67 22.82 1.51
CA PHE D 557 -13.78 21.72 1.83
C PHE D 557 -14.36 20.62 2.71
N HIS D 558 -15.66 20.52 2.84
CA HIS D 558 -16.24 19.49 3.69
C HIS D 558 -16.51 18.28 2.87
N GLY D 559 -15.86 17.19 3.19
CA GLY D 559 -16.03 15.97 2.43
C GLY D 559 -15.17 15.99 1.19
N HIS D 560 -14.33 17.00 1.10
CA HIS D 560 -13.42 17.19 0.01
C HIS D 560 -12.15 17.83 0.54
N LYS D 561 -11.44 17.16 1.43
CA LYS D 561 -10.25 17.71 2.01
C LYS D 561 -9.09 17.80 1.02
N GLN D 562 -9.26 17.20 -0.13
CA GLN D 562 -8.24 17.16 -1.15
C GLN D 562 -8.25 18.21 -2.25
N LEU D 563 -9.03 19.26 -2.10
CA LEU D 563 -9.10 20.28 -3.14
C LEU D 563 -7.82 21.09 -3.23
N ALA D 564 -7.21 21.41 -2.07
CA ALA D 564 -5.97 22.18 -2.07
C ALA D 564 -4.87 21.51 -2.88
N THR D 565 -4.99 20.21 -3.15
CA THR D 565 -4.10 19.49 -4.04
C THR D 565 -4.69 19.30 -5.43
N LYS D 566 -5.99 18.99 -5.52
CA LYS D 566 -6.66 18.98 -6.82
C LYS D 566 -6.55 20.35 -7.49
N ILE D 567 -6.61 21.43 -6.72
CA ILE D 567 -6.49 22.77 -7.28
C ILE D 567 -5.07 23.01 -7.75
N ARG D 568 -4.07 22.56 -6.98
CA ARG D 568 -2.68 22.75 -7.39
C ARG D 568 -2.38 22.06 -8.70
N LEU D 569 -3.04 20.94 -8.98
CA LEU D 569 -2.87 20.24 -10.25
C LEU D 569 -3.70 20.88 -11.36
N TRP D 570 -4.87 21.39 -11.03
CA TRP D 570 -5.69 22.14 -11.99
C TRP D 570 -4.96 23.39 -12.46
N HIS D 571 -4.08 23.95 -11.64
CA HIS D 571 -3.32 25.13 -11.98
C HIS D 571 -2.03 24.81 -12.71
N GLN D 572 -1.38 23.69 -12.38
CA GLN D 572 -0.19 23.26 -13.12
C GLN D 572 -0.56 22.91 -14.56
N GLN D 573 -1.62 22.14 -14.74
CA GLN D 573 -2.09 21.72 -16.05
C GLN D 573 -2.74 22.82 -16.83
N GLY D 574 -2.57 24.08 -16.40
CA GLY D 574 -3.19 25.20 -17.07
C GLY D 574 -4.68 25.01 -17.23
N GLU D 575 -5.35 24.58 -16.16
CA GLU D 575 -6.80 24.44 -16.12
C GLU D 575 -7.32 23.47 -17.18
N ARG D 576 -6.47 22.53 -17.61
CA ARG D 576 -6.76 21.64 -18.73
C ARG D 576 -6.73 20.20 -18.26
N CYS D 577 -7.61 19.38 -18.84
CA CYS D 577 -7.55 17.94 -18.68
C CYS D 577 -6.57 17.36 -19.70
N LEU D 578 -5.53 16.70 -19.22
CA LEU D 578 -4.42 16.32 -20.08
C LEU D 578 -4.67 15.07 -20.92
N TYR D 579 -5.85 14.46 -20.83
CA TYR D 579 -6.19 13.31 -21.65
C TYR D 579 -7.29 13.61 -22.67
N THR D 580 -8.40 14.20 -22.22
CA THR D 580 -9.45 14.62 -23.14
C THR D 580 -9.11 15.93 -23.83
N GLY D 581 -8.34 16.78 -23.18
CA GLY D 581 -8.13 18.13 -23.67
C GLY D 581 -9.23 19.11 -23.32
N LYS D 582 -10.28 18.66 -22.65
CA LYS D 582 -11.33 19.56 -22.22
C LYS D 582 -10.86 20.41 -21.04
N THR D 583 -11.54 21.51 -20.81
CA THR D 583 -11.17 22.41 -19.72
C THR D 583 -11.84 21.97 -18.43
N ILE D 584 -11.19 22.31 -17.31
CA ILE D 584 -11.67 21.99 -15.98
C ILE D 584 -12.03 23.30 -15.30
N SER D 585 -13.33 23.53 -15.10
CA SER D 585 -13.82 24.73 -14.45
C SER D 585 -13.99 24.47 -12.96
N ILE D 586 -13.43 25.36 -12.14
CA ILE D 586 -13.49 25.16 -10.69
C ILE D 586 -14.91 25.09 -10.19
N HIS D 587 -15.90 25.53 -10.98
CA HIS D 587 -17.28 25.34 -10.59
C HIS D 587 -17.67 23.87 -10.67
N ASP D 588 -17.20 23.16 -11.70
CA ASP D 588 -17.36 21.71 -11.73
C ASP D 588 -16.39 21.04 -10.78
N LEU D 589 -15.18 21.57 -10.65
CA LEU D 589 -14.18 20.97 -9.77
C LEU D 589 -14.59 21.03 -8.31
N ILE D 590 -15.39 22.03 -7.93
CA ILE D 590 -15.84 22.21 -6.56
C ILE D 590 -17.23 21.65 -6.35
N ASN D 591 -18.20 22.08 -7.16
CA ASN D 591 -19.60 21.76 -6.93
C ASN D 591 -20.03 20.44 -7.55
N ASN D 592 -19.26 19.90 -8.50
CA ASN D 592 -19.55 18.60 -9.11
C ASN D 592 -18.25 17.81 -9.24
N SER D 593 -17.53 17.67 -8.13
CA SER D 593 -16.22 17.02 -8.14
C SER D 593 -16.31 15.51 -8.34
N ASN D 594 -17.51 14.95 -8.45
CA ASN D 594 -17.64 13.55 -8.82
C ASN D 594 -17.06 13.29 -10.20
N GLN D 595 -17.10 14.29 -11.10
CA GLN D 595 -16.69 14.13 -12.48
C GLN D 595 -15.19 14.05 -12.67
N PHE D 596 -14.40 14.09 -11.60
CA PHE D 596 -12.94 14.12 -11.72
C PHE D 596 -12.31 13.10 -10.80
N GLU D 597 -11.18 12.56 -11.24
CA GLU D 597 -10.37 11.64 -10.46
C GLU D 597 -8.91 12.02 -10.62
N VAL D 598 -8.14 11.88 -9.55
CA VAL D 598 -6.70 12.11 -9.61
C VAL D 598 -6.04 10.82 -10.12
N ASP D 599 -5.53 10.88 -11.35
CA ASP D 599 -4.97 9.72 -12.01
C ASP D 599 -3.45 9.66 -11.82
N ALA D 600 -2.94 8.48 -11.54
CA ALA D 600 -1.51 8.24 -11.61
C ALA D 600 -1.11 8.11 -13.08
N ILE D 601 -0.14 8.91 -13.51
CA ILE D 601 0.31 8.89 -14.90
C ILE D 601 0.88 7.50 -15.19
N LEU D 602 2.10 7.25 -14.76
CA LEU D 602 2.61 5.89 -14.74
C LEU D 602 1.90 5.14 -13.63
N PRO D 603 1.11 4.09 -13.93
CA PRO D 603 0.23 3.49 -12.91
C PRO D 603 0.95 3.08 -11.62
N LEU D 604 0.21 3.05 -10.52
CA LEU D 604 0.79 2.71 -9.23
C LEU D 604 1.13 1.23 -9.13
N SER D 605 0.38 0.37 -9.84
CA SER D 605 0.64 -1.06 -9.78
C SER D 605 2.04 -1.39 -10.28
N ILE D 606 2.58 -0.57 -11.17
CA ILE D 606 3.87 -0.82 -11.78
C ILE D 606 4.98 -0.03 -11.10
N THR D 607 4.76 1.26 -10.88
CA THR D 607 5.82 2.16 -10.43
C THR D 607 5.87 2.30 -8.91
N PHE D 608 4.72 2.38 -8.24
CA PHE D 608 4.61 2.73 -6.83
C PHE D 608 5.11 4.14 -6.55
N ASP D 609 5.09 5.01 -7.55
CA ASP D 609 5.44 6.41 -7.37
C ASP D 609 4.20 7.17 -6.93
N ASP D 610 4.19 7.61 -5.67
CA ASP D 610 3.05 8.33 -5.11
C ASP D 610 3.30 9.82 -5.01
N SER D 611 4.25 10.34 -5.78
CA SER D 611 4.64 11.73 -5.74
C SER D 611 3.64 12.61 -6.49
N LEU D 612 3.87 13.92 -6.42
CA LEU D 612 3.06 14.86 -7.19
C LEU D 612 3.34 14.77 -8.68
N ALA D 613 4.60 14.47 -9.05
CA ALA D 613 4.97 14.40 -10.45
C ALA D 613 4.30 13.24 -11.18
N ASN D 614 3.85 12.22 -10.44
CA ASN D 614 3.12 11.08 -11.00
C ASN D 614 1.63 11.24 -10.79
N LYS D 615 1.11 12.46 -10.92
CA LYS D 615 -0.28 12.75 -10.61
C LYS D 615 -0.80 13.85 -11.53
N VAL D 616 -1.96 13.61 -12.13
CA VAL D 616 -2.65 14.60 -12.93
C VAL D 616 -4.12 14.62 -12.53
N LEU D 617 -4.74 15.79 -12.70
CA LEU D 617 -6.18 15.95 -12.49
C LEU D 617 -6.85 15.86 -13.85
N VAL D 618 -7.71 14.85 -14.02
CA VAL D 618 -8.36 14.57 -15.30
C VAL D 618 -9.81 14.16 -15.03
N TYR D 619 -10.62 14.25 -16.08
CA TYR D 619 -12.01 13.79 -15.98
C TYR D 619 -12.03 12.29 -15.65
N ALA D 620 -13.11 11.87 -14.97
CA ALA D 620 -13.18 10.51 -14.46
C ALA D 620 -13.20 9.48 -15.58
N THR D 621 -14.20 9.57 -16.47
CA THR D 621 -14.34 8.62 -17.57
C THR D 621 -13.04 8.45 -18.35
N ALA D 622 -12.24 9.51 -18.44
CA ALA D 622 -10.93 9.41 -19.09
C ALA D 622 -9.96 8.59 -18.26
N ASN D 623 -10.03 8.72 -16.93
CA ASN D 623 -9.15 7.96 -16.05
C ASN D 623 -9.45 6.46 -16.12
N GLN D 624 -10.74 6.10 -16.12
CA GLN D 624 -11.11 4.69 -16.16
C GLN D 624 -10.81 4.07 -17.52
N GLU D 625 -11.02 4.84 -18.60
CA GLU D 625 -10.70 4.33 -19.92
C GLU D 625 -9.20 4.14 -20.10
N LYS D 626 -8.39 4.92 -19.39
CA LYS D 626 -6.94 4.74 -19.44
C LYS D 626 -6.56 3.37 -18.89
N GLY D 627 -7.06 3.03 -17.70
CA GLY D 627 -6.73 1.76 -17.11
C GLY D 627 -5.30 1.72 -16.61
N GLN D 628 -4.70 0.54 -16.69
CA GLN D 628 -3.33 0.31 -16.21
C GLN D 628 -2.33 0.59 -17.33
N ARG D 629 -2.32 1.83 -17.79
CA ARG D 629 -1.50 2.21 -18.93
C ARG D 629 -0.85 3.56 -18.68
N THR D 630 0.20 3.82 -19.43
CA THR D 630 0.76 5.15 -19.54
C THR D 630 0.01 5.92 -20.62
N PRO D 631 0.02 7.26 -20.57
CA PRO D 631 -0.62 8.02 -21.66
C PRO D 631 -0.12 7.61 -23.03
N TYR D 632 1.17 7.32 -23.15
CA TYR D 632 1.73 6.84 -24.41
C TYR D 632 1.01 5.58 -24.89
N GLN D 633 0.94 4.56 -24.05
CA GLN D 633 0.28 3.32 -24.44
C GLN D 633 -1.21 3.52 -24.68
N ALA D 634 -1.83 4.48 -23.99
CA ALA D 634 -3.28 4.55 -23.90
C ALA D 634 -3.92 5.65 -24.74
N LEU D 635 -3.30 6.84 -24.81
CA LEU D 635 -3.98 8.02 -25.31
C LEU D 635 -4.58 7.81 -26.69
N ASP D 636 -3.78 7.29 -27.63
CA ASP D 636 -4.23 7.21 -29.01
C ASP D 636 -5.41 6.24 -29.17
N SER D 637 -5.37 5.11 -28.48
CA SER D 637 -6.39 4.08 -28.58
C SER D 637 -7.62 4.35 -27.73
N MET D 638 -7.73 5.53 -27.11
CA MET D 638 -8.91 5.87 -26.32
C MET D 638 -9.96 6.52 -27.21
N ASP D 639 -11.20 6.12 -27.00
CA ASP D 639 -12.32 6.61 -27.75
C ASP D 639 -12.60 8.07 -27.50
N ASP D 640 -12.49 8.51 -26.26
CA ASP D 640 -12.72 9.90 -25.95
C ASP D 640 -11.43 10.43 -25.43
N ALA D 641 -10.74 11.23 -26.23
CA ALA D 641 -9.47 11.77 -25.79
C ALA D 641 -8.74 12.57 -26.84
N TRP D 642 -7.56 13.03 -26.46
CA TRP D 642 -6.65 13.85 -27.21
C TRP D 642 -5.98 12.85 -28.07
N SER D 643 -4.80 13.18 -28.55
CA SER D 643 -4.00 12.30 -29.34
C SER D 643 -2.71 12.42 -28.61
N PHE D 644 -1.84 11.43 -28.72
CA PHE D 644 -0.58 11.53 -28.02
C PHE D 644 0.15 12.75 -28.56
N ARG D 645 -0.01 13.05 -29.84
CA ARG D 645 0.66 14.18 -30.42
C ARG D 645 0.25 15.47 -29.78
N GLU D 646 -1.04 15.65 -29.57
CA GLU D 646 -1.52 16.85 -28.92
C GLU D 646 -1.06 16.93 -27.48
N LEU D 647 -0.84 15.79 -26.83
CA LEU D 647 -0.24 15.79 -25.51
C LEU D 647 1.20 16.27 -25.57
N LYS D 648 2.02 15.63 -26.41
CA LYS D 648 3.39 16.07 -26.62
C LYS D 648 3.45 17.56 -26.90
N ALA D 649 2.51 18.07 -27.70
CA ALA D 649 2.45 19.49 -27.98
C ALA D 649 2.26 20.30 -26.71
N PHE D 650 1.12 20.09 -26.02
CA PHE D 650 0.81 20.87 -24.83
C PHE D 650 1.90 20.78 -23.77
N VAL D 651 2.50 19.59 -23.62
CA VAL D 651 3.41 19.36 -22.51
C VAL D 651 4.65 20.23 -22.62
N ARG D 652 5.37 20.16 -23.74
CA ARG D 652 6.56 20.99 -23.88
C ARG D 652 6.25 22.43 -24.28
N GLU D 653 4.98 22.77 -24.46
CA GLU D 653 4.55 24.16 -24.68
C GLU D 653 3.94 24.74 -23.41
N SER D 654 4.59 24.54 -22.26
CA SER D 654 4.08 25.08 -21.01
C SER D 654 5.21 25.19 -20.01
N LYS D 655 5.15 26.24 -19.18
CA LYS D 655 6.16 26.50 -18.17
C LYS D 655 5.66 26.22 -16.76
N THR D 656 4.35 26.04 -16.57
CA THR D 656 3.80 25.77 -15.26
C THR D 656 3.96 24.31 -14.84
N LEU D 657 4.22 23.42 -15.80
CA LEU D 657 4.43 22.02 -15.48
C LEU D 657 5.82 21.83 -14.86
N SER D 658 6.12 20.59 -14.50
CA SER D 658 7.36 20.24 -13.81
C SER D 658 8.27 19.45 -14.75
N ASN D 659 9.54 19.35 -14.34
CA ASN D 659 10.48 18.50 -15.08
C ASN D 659 10.10 17.04 -14.92
N LYS D 660 10.03 16.55 -13.69
CA LYS D 660 9.69 15.16 -13.44
C LYS D 660 8.29 14.82 -13.94
N LYS D 661 7.39 15.80 -13.97
CA LYS D 661 6.06 15.55 -14.52
C LYS D 661 6.08 15.47 -16.05
N LYS D 662 7.01 16.16 -16.70
CA LYS D 662 7.10 16.06 -18.16
C LYS D 662 7.73 14.73 -18.58
N GLU D 663 8.77 14.28 -17.88
CA GLU D 663 9.33 12.95 -18.11
C GLU D 663 8.25 11.89 -18.06
N TYR D 664 7.44 11.89 -17.00
CA TYR D 664 6.50 10.81 -16.73
C TYR D 664 5.29 10.84 -17.65
N LEU D 665 4.94 11.99 -18.21
CA LEU D 665 3.79 12.10 -19.10
C LEU D 665 4.07 11.61 -20.52
N LEU D 666 5.34 11.37 -20.86
CA LEU D 666 5.70 11.11 -22.25
C LEU D 666 6.57 9.88 -22.45
N THR D 667 6.94 9.16 -21.39
CA THR D 667 7.78 7.98 -21.53
C THR D 667 7.17 7.01 -22.54
N GLU D 668 7.84 6.85 -23.68
CA GLU D 668 7.37 5.91 -24.70
C GLU D 668 7.83 4.51 -24.32
N GLU D 669 8.02 4.28 -23.03
CA GLU D 669 8.61 3.07 -22.49
C GLU D 669 7.54 2.07 -22.10
N ASP D 670 7.74 0.81 -22.48
CA ASP D 670 6.76 -0.24 -22.21
C ASP D 670 6.96 -0.82 -20.82
N ILE D 671 6.72 0.02 -19.83
CA ILE D 671 6.85 -0.44 -18.48
C ILE D 671 5.88 -1.56 -18.25
N SER D 672 6.23 -2.39 -17.32
CA SER D 672 5.47 -3.52 -16.87
C SER D 672 6.01 -3.93 -15.50
N LYS D 673 5.28 -4.81 -14.84
CA LYS D 673 5.71 -5.22 -13.51
C LYS D 673 6.65 -6.39 -13.50
N PHE D 674 6.95 -6.92 -14.66
CA PHE D 674 7.84 -8.04 -14.72
C PHE D 674 9.10 -7.63 -15.40
N ASP D 675 9.69 -6.59 -14.85
CA ASP D 675 10.81 -6.01 -15.49
C ASP D 675 12.00 -5.90 -14.60
N VAL D 676 13.16 -6.27 -15.11
CA VAL D 676 14.39 -6.19 -14.36
C VAL D 676 14.78 -4.76 -13.95
N ILE D 681 12.61 2.62 -5.53
CA ILE D 681 11.45 3.48 -5.36
C ILE D 681 11.55 4.27 -4.07
N GLU D 682 10.83 5.40 -4.01
CA GLU D 682 10.91 6.29 -2.85
C GLU D 682 10.53 5.57 -1.55
N ARG D 683 9.62 4.60 -1.63
CA ARG D 683 9.26 3.82 -0.46
C ARG D 683 10.48 3.15 0.16
N ASN D 684 11.49 2.83 -0.65
CA ASN D 684 12.69 2.16 -0.17
C ASN D 684 13.66 3.13 0.51
N LEU D 685 13.57 4.42 0.20
CA LEU D 685 14.46 5.39 0.84
C LEU D 685 13.92 5.82 2.21
N VAL D 686 12.61 6.06 2.29
CA VAL D 686 12.00 6.43 3.57
C VAL D 686 12.17 5.29 4.58
N ASP D 687 11.95 4.05 4.15
CA ASP D 687 12.01 2.92 5.07
C ASP D 687 13.43 2.66 5.55
N THR D 688 14.43 2.97 4.73
CA THR D 688 15.82 2.80 5.16
C THR D 688 16.19 3.83 6.22
N ARG D 689 15.91 5.11 5.94
CA ARG D 689 16.15 6.17 6.93
C ARG D 689 15.45 5.85 8.23
N TYR D 690 14.21 5.39 8.16
CA TYR D 690 13.45 5.02 9.35
C TYR D 690 14.17 3.91 10.12
N ALA D 691 14.44 2.78 9.45
CA ALA D 691 15.05 1.64 10.12
C ALA D 691 16.41 1.99 10.71
N SER D 692 17.24 2.70 9.94
CA SER D 692 18.56 3.07 10.42
C SER D 692 18.48 3.91 11.69
N ARG D 693 17.62 4.93 11.67
CA ARG D 693 17.55 5.85 12.80
C ARG D 693 17.06 5.16 14.07
N VAL D 694 16.12 4.22 13.94
CA VAL D 694 15.59 3.50 15.10
C VAL D 694 16.71 2.71 15.78
N VAL D 695 17.56 2.06 15.00
CA VAL D 695 18.69 1.32 15.56
C VAL D 695 19.68 2.28 16.22
N LEU D 696 19.98 3.39 15.56
CA LEU D 696 20.91 4.38 16.11
C LEU D 696 20.43 4.87 17.47
N ASN D 697 19.19 5.37 17.53
CA ASN D 697 18.65 5.87 18.79
C ASN D 697 18.60 4.78 19.85
N ALA D 698 18.10 3.59 19.48
CA ALA D 698 17.95 2.51 20.45
C ALA D 698 19.29 2.03 20.99
N LEU D 699 20.37 2.21 20.23
CA LEU D 699 21.69 1.79 20.69
C LEU D 699 22.26 2.77 21.71
N GLN D 700 22.35 4.05 21.35
CA GLN D 700 22.88 5.05 22.27
C GLN D 700 22.08 5.08 23.56
N GLU D 701 20.76 4.93 23.48
CA GLU D 701 19.95 4.82 24.69
C GLU D 701 20.27 3.56 25.48
N HIS D 702 20.57 2.46 24.79
CA HIS D 702 20.93 1.24 25.51
C HIS D 702 22.31 1.34 26.12
N PHE D 703 23.24 1.99 25.42
CA PHE D 703 24.59 2.22 25.96
C PHE D 703 24.65 3.44 26.88
N ARG D 704 23.58 3.67 27.64
CA ARG D 704 23.57 4.70 28.66
C ARG D 704 23.05 4.11 29.97
N ALA D 705 21.76 3.75 30.00
CA ALA D 705 21.14 3.27 31.24
C ALA D 705 21.78 1.98 31.76
N HIS D 706 22.42 1.20 30.90
CA HIS D 706 23.11 0.00 31.33
C HIS D 706 24.61 0.22 31.53
N LYS D 707 25.09 1.46 31.38
CA LYS D 707 26.46 1.83 31.72
C LYS D 707 27.50 0.97 31.03
N ILE D 708 27.14 0.42 29.87
CA ILE D 708 28.12 -0.34 29.10
C ILE D 708 29.14 0.59 28.47
N ASP D 709 28.72 1.79 28.08
CA ASP D 709 29.59 2.83 27.56
C ASP D 709 30.43 2.31 26.38
N THR D 710 29.70 2.05 25.29
CA THR D 710 30.29 1.81 23.99
C THR D 710 29.95 3.00 23.10
N LYS D 711 30.97 3.59 22.48
CA LYS D 711 30.73 4.67 21.54
C LYS D 711 29.82 4.19 20.42
N VAL D 712 28.97 5.09 19.94
CA VAL D 712 28.01 4.79 18.87
C VAL D 712 28.13 5.95 17.88
N SER D 713 28.88 5.74 16.80
CA SER D 713 29.16 6.79 15.84
C SER D 713 28.36 6.58 14.55
N VAL D 714 28.58 7.47 13.59
CA VAL D 714 27.71 7.61 12.42
C VAL D 714 28.56 7.98 11.21
N VAL D 715 28.20 7.43 10.04
CA VAL D 715 28.79 7.81 8.77
C VAL D 715 27.67 8.10 7.77
N ARG D 716 27.98 8.94 6.79
CA ARG D 716 27.04 9.32 5.75
C ARG D 716 27.34 8.57 4.45
N GLY D 717 26.37 8.62 3.53
CA GLY D 717 26.49 7.89 2.28
C GLY D 717 27.45 8.52 1.29
N GLN D 718 27.63 9.84 1.34
CA GLN D 718 28.55 10.49 0.42
C GLN D 718 30.02 10.22 0.78
N PHE D 719 30.30 9.98 2.06
CA PHE D 719 31.68 9.72 2.46
C PHE D 719 32.08 8.28 2.13
N THR D 720 31.22 7.31 2.45
CA THR D 720 31.52 5.91 2.19
C THR D 720 31.54 5.57 0.71
N SER D 721 30.89 6.37 -0.13
CA SER D 721 30.89 6.13 -1.56
C SER D 721 32.12 6.72 -2.26
N GLN D 722 32.58 7.85 -1.72
CA GLN D 722 33.78 8.50 -2.18
C GLN D 722 34.95 7.70 -1.68
N LEU D 723 34.87 7.34 -0.41
CA LEU D 723 35.92 6.59 0.21
C LEU D 723 36.05 5.30 -0.50
N ARG D 724 34.93 4.75 -0.94
CA ARG D 724 34.97 3.48 -1.61
C ARG D 724 35.84 3.58 -2.83
N ARG D 725 35.73 4.65 -3.60
CA ARG D 725 36.57 4.81 -4.78
C ARG D 725 38.02 4.98 -4.42
N HIS D 726 38.28 5.79 -3.42
CA HIS D 726 39.64 6.05 -3.01
C HIS D 726 40.29 4.82 -2.47
N TRP D 727 39.55 4.05 -1.70
CA TRP D 727 40.09 2.84 -1.14
C TRP D 727 39.99 1.87 -2.29
N GLY D 728 40.28 0.60 -2.05
CA GLY D 728 40.17 -0.37 -3.10
C GLY D 728 38.77 -0.92 -3.00
N ILE D 729 37.93 -0.50 -3.91
CA ILE D 729 36.59 -0.97 -3.92
C ILE D 729 36.29 -1.39 -5.33
N GLU D 730 36.17 -2.69 -5.52
CA GLU D 730 35.86 -3.22 -6.80
C GLU D 730 34.61 -3.93 -6.45
N LYS D 731 33.46 -3.40 -6.86
CA LYS D 731 32.23 -4.09 -6.50
C LYS D 731 31.83 -5.21 -7.43
N THR D 732 31.71 -6.40 -6.88
CA THR D 732 31.32 -7.53 -7.69
C THR D 732 29.92 -7.33 -8.28
N ARG D 733 29.62 -8.13 -9.29
CA ARG D 733 28.43 -7.93 -10.11
C ARG D 733 27.23 -8.65 -9.49
N ASP D 734 26.20 -7.87 -9.13
CA ASP D 734 24.88 -8.38 -8.76
C ASP D 734 24.95 -9.39 -7.62
N THR D 735 25.98 -9.29 -6.77
CA THR D 735 26.19 -10.26 -5.71
C THR D 735 25.99 -9.57 -4.36
N TYR D 736 25.65 -10.39 -3.36
CA TYR D 736 25.43 -9.89 -2.00
C TYR D 736 26.72 -9.61 -1.25
N HIS D 737 27.88 -9.62 -1.93
CA HIS D 737 29.13 -9.34 -1.24
C HIS D 737 29.20 -7.90 -0.76
N HIS D 738 28.74 -6.97 -1.59
CA HIS D 738 28.96 -5.55 -1.33
C HIS D 738 28.33 -5.06 -0.04
N HIS D 739 27.41 -5.82 0.55
CA HIS D 739 26.88 -5.44 1.86
C HIS D 739 27.92 -5.68 2.96
N ALA D 740 28.57 -6.84 2.93
CA ALA D 740 29.60 -7.14 3.94
C ALA D 740 30.80 -6.23 3.81
N VAL D 741 31.18 -5.85 2.58
CA VAL D 741 32.36 -4.98 2.44
C VAL D 741 32.00 -3.55 2.78
N ASP D 742 30.79 -3.09 2.43
CA ASP D 742 30.36 -1.75 2.81
C ASP D 742 30.38 -1.59 4.32
N ALA D 743 29.89 -2.59 5.05
CA ALA D 743 29.93 -2.56 6.51
C ALA D 743 31.35 -2.43 7.04
N LEU D 744 32.33 -3.03 6.35
CA LEU D 744 33.72 -2.90 6.79
C LEU D 744 34.25 -1.50 6.55
N ILE D 745 33.91 -0.90 5.41
CA ILE D 745 34.21 0.52 5.19
C ILE D 745 33.54 1.37 6.27
N ILE D 746 32.32 1.01 6.66
CA ILE D 746 31.62 1.71 7.72
C ILE D 746 32.40 1.61 9.03
N ALA D 747 32.79 0.39 9.40
CA ALA D 747 33.55 0.18 10.62
C ALA D 747 34.96 0.74 10.55
N ALA D 748 35.44 1.14 9.37
CA ALA D 748 36.78 1.69 9.22
C ALA D 748 36.80 3.21 9.10
N SER D 749 35.76 3.82 8.50
CA SER D 749 35.68 5.27 8.40
C SER D 749 35.60 5.95 9.75
N SER D 750 35.32 5.21 10.82
CA SER D 750 35.30 5.78 12.16
C SER D 750 36.70 5.88 12.74
N GLN D 751 37.37 4.76 12.84
CA GLN D 751 38.71 4.73 13.38
C GLN D 751 39.70 5.36 12.40
N LEU D 752 39.20 6.18 11.50
CA LEU D 752 40.01 6.83 10.49
C LEU D 752 41.05 7.81 10.95
N ASN D 753 40.77 8.58 11.99
CA ASN D 753 41.72 9.59 12.44
C ASN D 753 43.00 8.97 12.84
N LEU D 754 42.95 7.90 13.60
CA LEU D 754 44.14 7.24 14.04
C LEU D 754 44.96 6.72 12.89
N TYR D 793 45.97 0.53 8.67
CA TYR D 793 45.19 1.28 7.70
C TYR D 793 45.45 0.75 6.33
N GLN D 794 46.71 0.77 5.91
CA GLN D 794 47.07 0.28 4.59
C GLN D 794 46.96 -1.23 4.61
N HIS D 795 47.26 -1.86 5.74
CA HIS D 795 47.09 -3.27 5.88
C HIS D 795 45.63 -3.58 5.63
N PHE D 796 44.74 -2.87 6.30
CA PHE D 796 43.32 -3.12 6.13
C PHE D 796 42.92 -2.96 4.69
N VAL D 797 43.37 -1.91 4.02
CA VAL D 797 42.95 -1.74 2.62
C VAL D 797 43.54 -2.81 1.73
N ASP D 798 44.77 -3.21 2.03
CA ASP D 798 45.45 -4.24 1.25
C ASP D 798 44.69 -5.55 1.25
N THR D 799 44.18 -5.80 2.46
CA THR D 799 43.36 -6.90 2.91
C THR D 799 41.99 -6.84 2.27
N LEU D 800 41.53 -5.64 1.98
CA LEU D 800 40.21 -5.44 1.40
C LEU D 800 40.20 -5.76 -0.07
N LYS D 801 41.32 -5.58 -0.73
CA LYS D 801 41.39 -5.92 -2.14
C LYS D 801 41.97 -7.31 -2.35
N SER D 802 42.18 -8.04 -1.27
CA SER D 802 42.74 -9.34 -1.31
C SER D 802 42.00 -10.28 -2.21
N LYS D 803 42.74 -11.15 -2.87
CA LYS D 803 42.18 -12.13 -3.76
C LYS D 803 41.28 -13.00 -2.95
N GLU D 804 41.75 -13.47 -1.82
CA GLU D 804 40.99 -14.33 -0.93
C GLU D 804 39.90 -13.70 -0.03
N PHE D 805 39.29 -12.62 -0.47
CA PHE D 805 38.31 -11.90 0.31
C PHE D 805 36.88 -12.22 -0.03
N GLU D 806 36.48 -12.00 -1.27
CA GLU D 806 35.13 -12.28 -1.66
C GLU D 806 34.83 -13.75 -1.45
N ASP D 807 35.85 -14.56 -1.28
CA ASP D 807 35.63 -15.95 -0.96
C ASP D 807 35.31 -16.25 0.47
N SER D 808 35.86 -15.49 1.40
CA SER D 808 35.61 -15.78 2.79
C SER D 808 34.38 -15.14 3.33
N ILE D 809 33.72 -14.30 2.56
CA ILE D 809 32.54 -13.66 3.07
C ILE D 809 31.50 -14.68 3.35
N LEU D 810 30.90 -14.55 4.50
CA LEU D 810 29.79 -15.39 4.93
C LEU D 810 28.46 -14.79 4.50
N PHE D 811 27.46 -15.65 4.41
CA PHE D 811 26.11 -15.24 4.06
C PHE D 811 25.11 -15.96 4.94
N SER D 812 24.08 -15.22 5.34
CA SER D 812 23.00 -15.76 6.16
C SER D 812 21.68 -15.25 5.60
N TYR D 813 20.69 -16.12 5.58
CA TYR D 813 19.39 -15.79 5.04
C TYR D 813 18.31 -16.08 6.07
N GLN D 814 17.28 -15.23 6.09
CA GLN D 814 16.12 -15.45 6.94
C GLN D 814 15.19 -16.46 6.27
N VAL D 815 15.00 -17.61 6.91
CA VAL D 815 14.11 -18.62 6.37
C VAL D 815 12.68 -18.12 6.42
N ASP D 816 11.86 -18.57 5.47
CA ASP D 816 10.44 -18.27 5.47
C ASP D 816 9.69 -19.55 5.79
N SER D 817 9.14 -19.60 7.00
CA SER D 817 8.37 -20.75 7.45
C SER D 817 6.87 -20.54 7.31
N LYS D 818 6.43 -19.30 7.12
CA LYS D 818 5.01 -18.95 7.21
C LYS D 818 4.19 -19.75 6.21
N PHE D 819 3.02 -20.21 6.65
CA PHE D 819 2.03 -20.76 5.74
C PHE D 819 0.95 -19.71 5.48
N ASN D 820 0.03 -20.06 4.57
CA ASN D 820 -1.12 -19.23 4.25
C ASN D 820 -0.69 -17.89 3.64
N ARG D 821 0.34 -17.92 2.80
CA ARG D 821 0.62 -16.80 1.94
C ARG D 821 -0.30 -16.91 0.72
N LYS D 822 -0.07 -16.04 -0.27
CA LYS D 822 -0.83 -16.10 -1.51
C LYS D 822 -0.72 -17.49 -2.12
N ILE D 823 -1.85 -18.10 -2.43
CA ILE D 823 -1.87 -19.51 -2.78
C ILE D 823 -1.77 -19.77 -4.29
N SER D 824 -2.10 -18.81 -5.14
CA SER D 824 -2.14 -19.05 -6.57
C SER D 824 -2.33 -17.74 -7.32
N ASP D 825 -2.28 -17.84 -8.65
CA ASP D 825 -2.72 -16.77 -9.53
C ASP D 825 -4.19 -16.48 -9.30
N ALA D 826 -4.54 -15.19 -9.31
CA ALA D 826 -5.93 -14.80 -9.11
C ALA D 826 -6.82 -15.10 -10.31
N THR D 827 -6.25 -15.47 -11.46
CA THR D 827 -7.06 -15.69 -12.65
C THR D 827 -7.88 -16.96 -12.49
N ILE D 828 -9.18 -16.85 -12.73
CA ILE D 828 -10.11 -17.97 -12.68
C ILE D 828 -10.22 -18.54 -14.10
N TYR D 829 -9.74 -19.76 -14.28
CA TYR D 829 -9.58 -20.37 -15.60
C TYR D 829 -10.71 -21.34 -15.89
N ALA D 830 -11.19 -21.33 -17.13
CA ALA D 830 -12.13 -22.33 -17.60
C ALA D 830 -11.39 -23.43 -18.35
N THR D 831 -12.02 -24.60 -18.42
CA THR D 831 -11.47 -25.73 -19.14
C THR D 831 -12.51 -26.28 -20.10
N ARG D 832 -12.03 -26.98 -21.12
CA ARG D 832 -12.90 -27.62 -22.10
C ARG D 832 -12.28 -28.95 -22.52
N GLN D 833 -13.12 -29.84 -23.05
CA GLN D 833 -12.65 -31.08 -23.64
C GLN D 833 -12.41 -30.88 -25.13
N ALA D 834 -11.21 -31.20 -25.60
CA ALA D 834 -10.90 -31.03 -27.02
C ALA D 834 -9.65 -31.82 -27.38
N LYS D 835 -9.46 -32.01 -28.68
CA LYS D 835 -8.25 -32.60 -29.25
C LYS D 835 -7.51 -31.52 -30.01
N VAL D 836 -6.26 -31.25 -29.62
CA VAL D 836 -5.45 -30.22 -30.25
C VAL D 836 -4.10 -30.79 -30.62
N GLY D 837 -3.65 -30.51 -31.84
CA GLY D 837 -2.28 -30.86 -32.24
C GLY D 837 -2.10 -32.35 -32.36
N LYS D 838 -1.08 -32.87 -31.67
CA LYS D 838 -0.72 -34.28 -31.74
C LYS D 838 -1.60 -35.14 -30.84
N ASP D 839 -2.87 -34.77 -30.69
CA ASP D 839 -3.74 -35.40 -29.70
C ASP D 839 -4.52 -36.57 -30.30
N LYS D 840 -4.57 -37.67 -29.56
CA LYS D 840 -5.31 -38.86 -30.01
C LYS D 840 -6.79 -38.73 -29.67
N ALA D 841 -7.13 -38.66 -28.39
CA ALA D 841 -8.51 -38.57 -27.93
C ALA D 841 -8.72 -37.23 -27.22
N ASP D 842 -9.90 -37.09 -26.61
CA ASP D 842 -10.24 -35.89 -25.87
C ASP D 842 -9.22 -35.64 -24.75
N GLU D 843 -9.12 -34.37 -24.36
CA GLU D 843 -8.14 -33.92 -23.38
C GLU D 843 -8.63 -32.62 -22.76
N THR D 844 -8.49 -32.50 -21.44
CA THR D 844 -8.95 -31.30 -20.74
C THR D 844 -7.98 -30.17 -20.98
N TYR D 845 -8.43 -29.16 -21.73
CA TYR D 845 -7.60 -28.01 -22.08
C TYR D 845 -8.05 -26.80 -21.28
N VAL D 846 -7.10 -26.11 -20.69
CA VAL D 846 -7.36 -24.81 -20.09
C VAL D 846 -7.52 -23.79 -21.21
N LEU D 847 -8.51 -22.93 -21.08
CA LEU D 847 -8.73 -21.86 -22.04
C LEU D 847 -7.94 -20.62 -21.64
N GLY D 848 -7.57 -19.86 -22.67
CA GLY D 848 -7.23 -18.47 -22.50
C GLY D 848 -8.08 -17.64 -23.45
N LYS D 849 -8.12 -16.35 -23.20
CA LYS D 849 -8.85 -15.46 -24.06
C LYS D 849 -8.02 -14.22 -24.36
N ILE D 850 -8.17 -13.70 -25.57
CA ILE D 850 -7.56 -12.45 -25.95
C ILE D 850 -8.56 -11.35 -25.61
N LYS D 851 -8.28 -10.60 -24.54
CA LYS D 851 -9.26 -9.67 -23.98
C LYS D 851 -9.70 -8.64 -25.01
N ASP D 852 -8.78 -8.14 -25.82
CA ASP D 852 -9.06 -7.09 -26.78
C ASP D 852 -8.24 -7.35 -28.03
N ILE D 853 -8.90 -7.60 -29.16
CA ILE D 853 -8.19 -7.84 -30.41
C ILE D 853 -7.86 -6.57 -31.15
N TYR D 854 -8.37 -5.42 -30.72
CA TYR D 854 -8.12 -4.15 -31.39
C TYR D 854 -6.91 -3.43 -30.81
N THR D 855 -6.06 -4.12 -30.07
CA THR D 855 -4.83 -3.57 -29.54
C THR D 855 -3.65 -4.33 -30.12
N GLN D 856 -2.50 -3.63 -30.23
CA GLN D 856 -1.31 -4.27 -30.76
C GLN D 856 -0.85 -5.43 -29.89
N ASP D 857 -1.14 -5.37 -28.60
CA ASP D 857 -0.87 -6.54 -27.75
C ASP D 857 -1.90 -7.64 -28.00
N GLY D 858 -3.13 -7.26 -28.33
CA GLY D 858 -4.16 -8.25 -28.59
C GLY D 858 -4.10 -8.84 -29.99
N TYR D 859 -3.61 -8.08 -30.96
CA TYR D 859 -3.42 -8.63 -32.30
C TYR D 859 -2.21 -9.54 -32.35
N ASP D 860 -1.09 -9.10 -31.78
CA ASP D 860 0.11 -9.94 -31.70
C ASP D 860 -0.22 -11.33 -31.17
N ALA D 861 -0.92 -11.40 -30.04
CA ALA D 861 -1.32 -12.68 -29.48
C ALA D 861 -2.13 -13.49 -30.49
N PHE D 862 -3.01 -12.82 -31.25
CA PHE D 862 -3.79 -13.51 -32.26
C PHE D 862 -2.90 -14.17 -33.30
N MET D 863 -1.92 -13.43 -33.84
CA MET D 863 -1.07 -13.98 -34.87
C MET D 863 -0.25 -15.17 -34.36
N LYS D 864 0.27 -15.06 -33.13
CA LYS D 864 1.03 -16.16 -32.55
C LYS D 864 0.26 -17.47 -32.59
N ILE D 865 -1.01 -17.43 -32.16
CA ILE D 865 -1.85 -18.62 -32.20
C ILE D 865 -2.22 -18.97 -33.64
N TYR D 866 -2.43 -17.93 -34.47
CA TYR D 866 -2.90 -18.15 -35.83
C TYR D 866 -1.85 -18.87 -36.67
N LYS D 867 -0.60 -18.44 -36.59
CA LYS D 867 0.47 -19.11 -37.32
C LYS D 867 0.67 -20.54 -36.83
N LYS D 868 0.56 -20.75 -35.52
CA LYS D 868 0.86 -22.05 -34.94
C LYS D 868 -0.24 -23.06 -35.22
N ASP D 869 -1.48 -22.72 -34.90
CA ASP D 869 -2.59 -23.68 -34.99
C ASP D 869 -3.89 -22.88 -34.94
N LYS D 870 -4.43 -22.56 -36.13
CA LYS D 870 -5.68 -21.82 -36.23
C LYS D 870 -6.78 -22.42 -35.35
N SER D 871 -6.86 -23.75 -35.31
CA SER D 871 -7.98 -24.40 -34.65
C SER D 871 -8.01 -24.15 -33.14
N LYS D 872 -6.94 -23.62 -32.56
CA LYS D 872 -6.95 -23.34 -31.13
C LYS D 872 -8.05 -22.36 -30.76
N PHE D 873 -8.34 -21.39 -31.63
CA PHE D 873 -9.45 -20.48 -31.40
C PHE D 873 -10.75 -21.26 -31.34
N LEU D 874 -11.46 -21.11 -30.22
CA LEU D 874 -12.75 -21.77 -30.08
C LEU D 874 -13.71 -21.36 -31.19
N MET D 875 -13.53 -20.17 -31.75
CA MET D 875 -14.37 -19.72 -32.86
C MET D 875 -14.21 -20.64 -34.07
N TYR D 876 -12.97 -20.79 -34.56
CA TYR D 876 -12.67 -21.65 -35.69
C TYR D 876 -13.42 -22.98 -35.60
N ARG D 877 -13.40 -23.59 -34.41
CA ARG D 877 -14.06 -24.88 -34.24
C ARG D 877 -15.58 -24.74 -34.12
N HIS D 878 -16.06 -23.73 -33.40
CA HIS D 878 -17.48 -23.62 -33.04
C HIS D 878 -18.22 -22.54 -33.82
N ASP D 879 -17.56 -21.89 -34.78
CA ASP D 879 -18.20 -20.86 -35.58
C ASP D 879 -17.34 -20.57 -36.80
N PRO D 880 -17.13 -21.57 -37.68
CA PRO D 880 -16.20 -21.37 -38.80
C PRO D 880 -16.67 -20.33 -39.79
N GLN D 881 -17.97 -20.04 -39.84
CA GLN D 881 -18.48 -19.02 -40.75
C GLN D 881 -17.81 -17.67 -40.48
N THR D 882 -17.81 -17.24 -39.21
CA THR D 882 -17.17 -15.97 -38.89
C THR D 882 -15.68 -16.01 -39.14
N PHE D 883 -15.04 -17.16 -38.92
CA PHE D 883 -13.60 -17.22 -39.10
C PHE D 883 -13.23 -17.14 -40.58
N GLU D 884 -13.80 -18.03 -41.40
CA GLU D 884 -13.42 -18.10 -42.80
C GLU D 884 -13.99 -16.95 -43.63
N LYS D 885 -15.08 -16.32 -43.19
CA LYS D 885 -15.75 -15.31 -44.01
C LYS D 885 -15.68 -13.90 -43.44
N VAL D 886 -15.07 -13.70 -42.27
CA VAL D 886 -14.96 -12.34 -41.72
C VAL D 886 -13.52 -12.05 -41.30
N ILE D 887 -12.88 -13.01 -40.62
CA ILE D 887 -11.56 -12.74 -40.06
C ILE D 887 -10.47 -12.88 -41.11
N GLU D 888 -10.45 -14.00 -41.82
CA GLU D 888 -9.44 -14.19 -42.87
C GLU D 888 -9.54 -13.14 -43.96
N PRO D 889 -10.72 -12.77 -44.48
CA PRO D 889 -10.78 -11.65 -45.43
C PRO D 889 -10.25 -10.34 -44.85
N ILE D 890 -10.39 -10.12 -43.54
CA ILE D 890 -9.85 -8.92 -42.93
C ILE D 890 -8.33 -9.01 -42.84
N LEU D 891 -7.80 -10.19 -42.54
CA LEU D 891 -6.34 -10.36 -42.48
C LEU D 891 -5.69 -10.11 -43.83
N GLU D 892 -6.44 -10.28 -44.93
CA GLU D 892 -5.84 -10.17 -46.25
C GLU D 892 -5.81 -8.73 -46.75
N ASN D 893 -6.84 -7.94 -46.47
CA ASN D 893 -7.07 -6.68 -47.16
C ASN D 893 -6.74 -5.44 -46.32
N TYR D 894 -5.85 -5.57 -45.33
CA TYR D 894 -5.68 -4.45 -44.41
C TYR D 894 -4.21 -4.24 -44.05
N PRO D 895 -3.82 -2.98 -43.81
CA PRO D 895 -2.42 -2.57 -44.05
C PRO D 895 -1.34 -3.38 -43.34
N ASN D 896 -1.48 -3.62 -42.04
CA ASN D 896 -0.47 -4.30 -41.22
C ASN D 896 0.78 -3.44 -41.03
N LYS D 897 0.72 -2.15 -41.33
CA LYS D 897 1.88 -1.28 -41.19
C LYS D 897 1.49 0.19 -41.10
N VAL D 906 6.63 0.54 -39.21
CA VAL D 906 6.14 0.14 -37.89
C VAL D 906 4.88 -0.73 -38.05
N PRO D 907 4.85 -1.85 -37.33
CA PRO D 907 3.68 -2.72 -37.39
C PRO D 907 2.44 -2.05 -36.81
N CYS D 908 1.30 -2.36 -37.40
CA CYS D 908 0.02 -1.82 -36.97
C CYS D 908 -1.02 -2.94 -36.95
N ASN D 909 -2.18 -2.64 -36.37
CA ASN D 909 -3.19 -3.66 -36.09
C ASN D 909 -4.20 -3.73 -37.23
N PRO D 910 -4.30 -4.85 -37.93
CA PRO D 910 -5.34 -4.97 -38.96
C PRO D 910 -6.75 -4.83 -38.43
N PHE D 911 -7.04 -5.45 -37.27
CA PHE D 911 -8.38 -5.37 -36.70
C PHE D 911 -8.73 -3.94 -36.30
N LEU D 912 -7.74 -3.21 -35.77
CA LEU D 912 -7.97 -1.81 -35.42
C LEU D 912 -8.20 -0.97 -36.68
N LYS D 913 -7.39 -1.19 -37.72
CA LYS D 913 -7.59 -0.46 -38.97
C LYS D 913 -8.94 -0.74 -39.61
N TYR D 914 -9.56 -1.88 -39.29
CA TYR D 914 -10.94 -2.13 -39.69
C TYR D 914 -11.90 -1.36 -38.78
N LYS D 915 -11.62 -1.34 -37.48
CA LYS D 915 -12.49 -0.66 -36.51
C LYS D 915 -12.69 0.80 -36.88
N GLU D 916 -11.60 1.50 -37.24
CA GLU D 916 -11.70 2.90 -37.61
C GLU D 916 -12.60 3.08 -38.84
N GLU D 917 -12.53 2.16 -39.79
CA GLU D 917 -13.31 2.27 -41.02
C GLU D 917 -14.78 1.89 -40.80
N HIS D 918 -15.02 0.61 -40.49
CA HIS D 918 -16.38 0.07 -40.48
C HIS D 918 -16.96 -0.09 -39.07
N GLY D 919 -16.16 0.11 -38.03
CA GLY D 919 -16.61 -0.15 -36.68
C GLY D 919 -16.10 -1.49 -36.18
N TYR D 920 -16.72 -1.94 -35.09
CA TYR D 920 -16.33 -3.22 -34.52
C TYR D 920 -16.64 -4.35 -35.50
N ILE D 921 -15.70 -5.29 -35.63
CA ILE D 921 -15.93 -6.48 -36.41
C ILE D 921 -17.16 -7.19 -35.87
N ARG D 922 -18.08 -7.53 -36.75
CA ARG D 922 -19.32 -8.20 -36.36
C ARG D 922 -19.26 -9.67 -36.72
N LYS D 923 -19.88 -10.49 -35.87
CA LYS D 923 -20.04 -11.90 -36.18
C LYS D 923 -20.85 -12.06 -37.45
N TYR D 924 -20.55 -13.12 -38.21
CA TYR D 924 -21.24 -13.35 -39.46
C TYR D 924 -22.74 -13.52 -39.23
N SER D 925 -23.53 -12.94 -40.13
CA SER D 925 -24.97 -13.06 -40.09
C SER D 925 -25.53 -12.70 -41.45
N LYS D 926 -26.83 -12.95 -41.62
CA LYS D 926 -27.50 -12.62 -42.88
C LYS D 926 -27.84 -11.13 -42.95
N LYS D 927 -28.86 -10.71 -42.20
CA LYS D 927 -29.48 -9.40 -42.37
C LYS D 927 -28.62 -8.25 -41.86
N GLY D 928 -27.29 -8.36 -41.99
CA GLY D 928 -26.41 -7.40 -41.37
C GLY D 928 -26.34 -7.48 -39.86
N ASN D 929 -27.05 -8.43 -39.26
CA ASN D 929 -27.09 -8.61 -37.82
C ASN D 929 -25.78 -9.20 -37.32
N GLY D 930 -25.82 -9.79 -36.13
CA GLY D 930 -24.63 -10.36 -35.54
C GLY D 930 -24.01 -9.41 -34.55
N PRO D 931 -23.69 -9.93 -33.37
CA PRO D 931 -23.10 -9.09 -32.32
C PRO D 931 -21.65 -8.76 -32.62
N GLU D 932 -21.13 -7.80 -31.87
CA GLU D 932 -19.74 -7.40 -32.02
C GLU D 932 -18.80 -8.53 -31.64
N ILE D 933 -17.55 -8.42 -32.06
CA ILE D 933 -16.49 -9.34 -31.69
C ILE D 933 -15.37 -8.52 -31.08
N LYS D 934 -15.09 -8.77 -29.79
CA LYS D 934 -14.09 -7.99 -29.08
C LYS D 934 -13.04 -8.91 -28.47
N SER D 935 -13.40 -10.16 -28.18
CA SER D 935 -12.49 -11.09 -27.52
C SER D 935 -12.57 -12.45 -28.20
N LEU D 936 -11.50 -13.22 -28.03
CA LEU D 936 -11.37 -14.55 -28.62
C LEU D 936 -10.75 -15.50 -27.61
N LYS D 937 -11.45 -16.58 -27.31
CA LYS D 937 -10.95 -17.60 -26.41
C LYS D 937 -10.27 -18.63 -27.25
N TYR D 938 -9.27 -19.30 -26.71
CA TYR D 938 -8.55 -20.34 -27.42
C TYR D 938 -8.19 -21.44 -26.46
N TYR D 939 -7.64 -22.53 -26.97
CA TYR D 939 -7.22 -23.64 -26.16
C TYR D 939 -5.77 -23.41 -25.98
N ASP D 940 -5.30 -23.23 -24.75
CA ASP D 940 -3.87 -22.91 -24.59
C ASP D 940 -2.87 -23.91 -23.98
N SER D 941 -3.16 -24.41 -22.78
CA SER D 941 -2.28 -25.36 -22.10
C SER D 941 -3.08 -26.52 -21.57
N LYS D 942 -2.46 -27.68 -21.37
CA LYS D 942 -3.26 -28.77 -20.90
C LYS D 942 -3.41 -28.58 -19.43
N LEU D 943 -4.41 -29.18 -18.86
CA LEU D 943 -4.64 -29.02 -17.45
C LEU D 943 -3.64 -29.86 -16.72
N GLY D 944 -3.00 -29.27 -15.74
CA GLY D 944 -2.03 -29.97 -14.98
C GLY D 944 -2.31 -29.72 -13.55
N ASN D 945 -1.31 -29.26 -12.83
CA ASN D 945 -1.58 -28.99 -11.42
C ASN D 945 -2.48 -27.77 -11.29
N HIS D 946 -3.50 -27.87 -10.44
CA HIS D 946 -4.48 -26.81 -10.32
C HIS D 946 -5.06 -26.82 -8.90
N ILE D 947 -5.89 -25.82 -8.63
CA ILE D 947 -6.82 -25.83 -7.50
C ILE D 947 -8.22 -25.80 -8.08
N ASP D 948 -9.07 -26.71 -7.64
CA ASP D 948 -10.42 -26.85 -8.18
C ASP D 948 -11.36 -25.89 -7.46
N ILE D 949 -12.10 -25.10 -8.23
CA ILE D 949 -13.09 -24.17 -7.70
C ILE D 949 -14.34 -24.25 -8.57
N THR D 950 -14.76 -25.46 -8.90
CA THR D 950 -15.77 -25.68 -9.94
C THR D 950 -17.17 -25.53 -9.36
N PRO D 951 -18.00 -24.63 -9.91
CA PRO D 951 -19.39 -24.53 -9.44
C PRO D 951 -20.09 -25.87 -9.55
N LYS D 952 -21.01 -26.13 -8.61
CA LYS D 952 -21.94 -27.24 -8.76
C LYS D 952 -22.65 -27.18 -10.11
N ASP D 953 -22.78 -25.97 -10.66
CA ASP D 953 -23.46 -25.76 -11.93
C ASP D 953 -22.67 -26.33 -13.10
N SER D 954 -21.35 -26.24 -13.04
CA SER D 954 -20.57 -26.17 -14.27
C SER D 954 -20.51 -27.50 -15.01
N ASN D 955 -20.62 -27.41 -16.33
CA ASN D 955 -20.35 -28.52 -17.23
C ASN D 955 -18.87 -28.72 -17.49
N ASN D 956 -18.01 -27.91 -16.87
CA ASN D 956 -16.56 -28.02 -17.04
C ASN D 956 -15.86 -27.58 -15.76
N LYS D 957 -14.74 -28.23 -15.46
CA LYS D 957 -13.95 -27.86 -14.30
C LYS D 957 -13.42 -26.44 -14.44
N VAL D 958 -13.63 -25.64 -13.40
CA VAL D 958 -13.04 -24.31 -13.27
C VAL D 958 -11.95 -24.38 -12.21
N VAL D 959 -10.77 -23.83 -12.53
CA VAL D 959 -9.57 -24.09 -11.76
C VAL D 959 -8.75 -22.82 -11.54
N LEU D 960 -7.87 -22.89 -10.55
CA LEU D 960 -6.82 -21.91 -10.29
C LEU D 960 -5.47 -22.54 -10.63
N GLN D 961 -4.53 -21.69 -11.03
CA GLN D 961 -3.24 -22.20 -11.52
C GLN D 961 -2.08 -21.47 -10.85
N SER D 962 -0.87 -21.90 -11.21
CA SER D 962 0.38 -21.54 -10.56
C SER D 962 0.22 -21.55 -9.04
N VAL D 963 0.26 -22.75 -8.46
CA VAL D 963 -0.02 -22.97 -7.05
C VAL D 963 1.28 -22.82 -6.27
N SER D 964 1.33 -21.81 -5.39
CA SER D 964 2.56 -21.46 -4.71
C SER D 964 2.90 -22.48 -3.62
N PRO D 965 4.17 -22.76 -3.40
CA PRO D 965 4.55 -23.77 -2.44
C PRO D 965 4.94 -23.30 -1.09
N TRP D 966 4.88 -24.21 -0.13
CA TRP D 966 5.18 -23.87 1.25
C TRP D 966 6.54 -24.44 1.66
N ARG D 967 6.64 -25.76 1.72
CA ARG D 967 7.87 -26.40 2.15
C ARG D 967 8.03 -27.71 1.40
N ALA D 968 9.20 -28.33 1.58
CA ALA D 968 9.48 -29.65 1.04
C ALA D 968 10.00 -30.53 2.17
N ASP D 969 9.37 -31.70 2.35
CA ASP D 969 9.84 -32.68 3.31
C ASP D 969 10.77 -33.66 2.59
N VAL D 970 12.01 -33.76 3.06
CA VAL D 970 13.02 -34.60 2.42
C VAL D 970 13.09 -35.93 3.16
N TYR D 971 12.95 -37.01 2.39
CA TYR D 971 13.01 -38.37 2.89
C TYR D 971 14.17 -39.10 2.23
N PHE D 972 14.48 -40.28 2.76
CA PHE D 972 15.49 -41.16 2.18
C PHE D 972 14.95 -42.58 2.18
N ASN D 973 15.19 -43.29 1.09
CA ASN D 973 14.74 -44.67 0.91
C ASN D 973 15.96 -45.57 0.97
N LYS D 974 16.09 -46.33 2.07
CA LYS D 974 17.28 -47.15 2.28
C LYS D 974 17.45 -48.20 1.18
N THR D 975 16.34 -48.65 0.57
CA THR D 975 16.42 -49.71 -0.42
C THR D 975 17.15 -49.24 -1.66
N THR D 976 16.64 -48.19 -2.30
CA THR D 976 17.25 -47.66 -3.52
C THR D 976 18.41 -46.70 -3.24
N GLY D 977 18.58 -46.27 -1.99
CA GLY D 977 19.64 -45.34 -1.67
C GLY D 977 19.46 -43.95 -2.26
N LYS D 978 18.24 -43.58 -2.63
CA LYS D 978 17.94 -42.29 -3.22
C LYS D 978 17.11 -41.46 -2.25
N TYR D 979 17.09 -40.16 -2.49
CA TYR D 979 16.28 -39.25 -1.71
C TYR D 979 14.93 -39.05 -2.38
N GLU D 980 13.93 -38.69 -1.58
CA GLU D 980 12.55 -38.63 -2.05
C GLU D 980 11.90 -37.37 -1.48
N ILE D 981 11.71 -36.37 -2.32
CA ILE D 981 11.30 -35.03 -1.87
C ILE D 981 9.80 -34.89 -2.04
N LEU D 982 9.13 -34.63 -0.93
CA LEU D 982 7.70 -34.35 -0.89
C LEU D 982 7.50 -32.85 -0.78
N GLY D 983 6.64 -32.31 -1.64
CA GLY D 983 6.37 -30.89 -1.70
C GLY D 983 4.99 -30.56 -1.17
N LEU D 984 4.93 -29.64 -0.21
CA LEU D 984 3.68 -29.13 0.33
C LEU D 984 3.42 -27.73 -0.22
N LYS D 985 2.14 -27.45 -0.46
CA LYS D 985 1.73 -26.16 -0.99
C LYS D 985 0.83 -25.45 0.02
N TYR D 986 0.81 -24.12 -0.08
CA TYR D 986 -0.07 -23.30 0.76
C TYR D 986 -1.50 -23.81 0.70
N ALA D 987 -1.94 -24.25 -0.49
CA ALA D 987 -3.31 -24.67 -0.70
C ALA D 987 -3.58 -26.11 -0.28
N ASP D 988 -2.58 -26.82 0.26
CA ASP D 988 -2.85 -28.10 0.88
C ASP D 988 -3.33 -27.95 2.30
N LEU D 989 -2.94 -26.86 2.97
CA LEU D 989 -3.47 -26.54 4.29
C LEU D 989 -4.86 -25.93 4.19
N GLN D 990 -5.66 -26.18 5.21
CA GLN D 990 -7.06 -25.77 5.21
C GLN D 990 -7.51 -25.41 6.63
N PHE D 991 -8.53 -24.55 6.69
CA PHE D 991 -9.29 -24.39 7.91
C PHE D 991 -10.21 -25.59 8.09
N GLU D 992 -10.01 -26.32 9.18
CA GLU D 992 -10.77 -27.54 9.42
C GLU D 992 -12.23 -27.21 9.72
N LYS D 993 -13.14 -28.03 9.21
CA LYS D 993 -14.56 -27.76 9.31
C LYS D 993 -15.00 -27.63 10.77
N GLY D 994 -14.94 -28.71 11.54
CA GLY D 994 -15.36 -28.68 12.92
C GLY D 994 -14.57 -27.73 13.79
N THR D 995 -13.28 -28.02 13.98
CA THR D 995 -12.48 -27.28 14.94
C THR D 995 -12.27 -25.83 14.52
N GLY D 996 -12.10 -25.59 13.23
CA GLY D 996 -11.80 -24.26 12.73
C GLY D 996 -10.33 -23.91 12.69
N THR D 997 -9.45 -24.87 12.97
CA THR D 997 -8.02 -24.61 12.97
C THR D 997 -7.46 -24.76 11.57
N TYR D 998 -6.42 -23.97 11.29
CA TYR D 998 -5.75 -23.98 10.00
C TYR D 998 -4.64 -25.01 10.05
N LYS D 999 -4.80 -26.10 9.29
CA LYS D 999 -3.87 -27.22 9.42
C LYS D 999 -4.01 -28.16 8.24
N ILE D 1000 -3.08 -29.10 8.15
CA ILE D 1000 -3.14 -30.24 7.24
C ILE D 1000 -3.21 -31.50 8.08
N SER D 1001 -3.97 -32.48 7.61
CA SER D 1001 -4.19 -33.72 8.32
C SER D 1001 -3.29 -34.82 7.77
N GLN D 1002 -2.94 -35.76 8.67
CA GLN D 1002 -2.12 -36.90 8.28
C GLN D 1002 -2.71 -37.65 7.08
N GLU D 1003 -4.03 -37.81 7.06
CA GLU D 1003 -4.68 -38.46 5.93
C GLU D 1003 -4.32 -37.76 4.61
N LYS D 1004 -4.41 -36.43 4.59
CA LYS D 1004 -4.06 -35.69 3.38
C LYS D 1004 -2.55 -35.67 3.16
N TYR D 1005 -1.77 -35.55 4.24
CA TYR D 1005 -0.33 -35.59 4.12
C TYR D 1005 0.16 -36.91 3.55
N ASN D 1006 -0.50 -38.02 3.90
CA ASN D 1006 -0.07 -39.31 3.39
C ASN D 1006 -0.52 -39.52 1.95
N ASP D 1007 -1.66 -38.93 1.55
CA ASP D 1007 -2.05 -38.96 0.15
C ASP D 1007 -1.05 -38.20 -0.72
N ILE D 1008 -0.46 -37.13 -0.19
CA ILE D 1008 0.56 -36.39 -0.92
C ILE D 1008 1.86 -37.19 -0.94
N LYS D 1009 2.19 -37.83 0.17
CA LYS D 1009 3.32 -38.76 0.22
C LYS D 1009 3.24 -39.76 -0.92
N LYS D 1010 2.11 -40.44 -1.04
CA LYS D 1010 1.82 -41.40 -2.10
C LYS D 1010 2.18 -40.85 -3.48
N LYS D 1011 1.43 -39.84 -3.94
CA LYS D 1011 1.56 -39.38 -5.31
C LYS D 1011 2.89 -38.66 -5.58
N GLU D 1012 3.64 -38.27 -4.55
CA GLU D 1012 4.90 -37.59 -4.76
C GLU D 1012 6.09 -38.54 -4.90
N GLY D 1013 5.87 -39.84 -4.71
CA GLY D 1013 6.91 -40.83 -4.86
C GLY D 1013 7.53 -41.30 -3.56
N VAL D 1014 7.12 -40.75 -2.42
CA VAL D 1014 7.75 -41.07 -1.15
C VAL D 1014 7.17 -42.39 -0.62
N ASP D 1015 8.04 -43.37 -0.43
CA ASP D 1015 7.60 -44.68 0.02
C ASP D 1015 7.12 -44.63 1.47
N SER D 1016 6.02 -45.31 1.75
CA SER D 1016 5.43 -45.29 3.08
C SER D 1016 6.39 -45.79 4.15
N ASP D 1017 7.38 -46.59 3.78
CA ASP D 1017 8.43 -47.03 4.70
C ASP D 1017 9.76 -46.41 4.26
N SER D 1018 9.85 -45.09 4.35
CA SER D 1018 11.07 -44.36 4.07
C SER D 1018 11.37 -43.43 5.24
N GLU D 1019 12.65 -43.13 5.43
CA GLU D 1019 13.13 -42.41 6.60
C GLU D 1019 13.14 -40.90 6.32
N PHE D 1020 12.53 -40.15 7.24
CA PHE D 1020 12.52 -38.70 7.12
C PHE D 1020 13.88 -38.13 7.50
N LYS D 1021 14.36 -37.19 6.70
CA LYS D 1021 15.64 -36.55 6.97
C LYS D 1021 15.43 -35.15 7.55
N PHE D 1022 14.89 -34.24 6.75
CA PHE D 1022 14.67 -32.87 7.20
C PHE D 1022 13.63 -32.21 6.31
N THR D 1023 13.09 -31.09 6.81
CA THR D 1023 12.18 -30.25 6.06
C THR D 1023 12.92 -29.03 5.55
N LEU D 1024 12.69 -28.69 4.30
CA LEU D 1024 13.29 -27.52 3.66
C LEU D 1024 12.23 -26.44 3.46
N TYR D 1025 12.44 -25.28 4.07
CA TYR D 1025 11.62 -24.11 3.81
C TYR D 1025 12.36 -23.17 2.86
N LYS D 1026 11.69 -22.09 2.50
CA LYS D 1026 12.27 -21.11 1.59
C LYS D 1026 13.50 -20.47 2.21
N ASN D 1027 14.61 -20.48 1.47
CA ASN D 1027 15.89 -19.89 1.85
C ASN D 1027 16.60 -20.66 2.97
N ASP D 1028 16.19 -21.90 3.24
CA ASP D 1028 17.10 -22.81 3.92
C ASP D 1028 18.28 -23.09 3.00
N LEU D 1029 19.36 -23.62 3.58
CA LEU D 1029 20.58 -23.91 2.84
C LEU D 1029 20.77 -25.42 2.73
N LEU D 1030 21.10 -25.87 1.53
CA LEU D 1030 21.44 -27.26 1.28
C LEU D 1030 22.95 -27.41 1.11
N LEU D 1031 23.41 -28.63 1.39
CA LEU D 1031 24.68 -29.12 0.89
C LEU D 1031 24.39 -30.34 0.03
N VAL D 1032 24.94 -30.34 -1.19
CA VAL D 1032 24.74 -31.42 -2.15
C VAL D 1032 26.11 -31.97 -2.49
N LYS D 1033 26.39 -33.19 -2.05
CA LYS D 1033 27.69 -33.83 -2.25
C LYS D 1033 27.57 -35.00 -3.20
N ASP D 1034 28.52 -35.12 -4.10
CA ASP D 1034 28.54 -36.22 -5.02
C ASP D 1034 29.19 -37.27 -4.18
N THR D 1035 28.83 -38.52 -4.33
CA THR D 1035 29.49 -39.53 -3.53
C THR D 1035 30.47 -40.26 -4.42
N GLU D 1036 30.22 -40.21 -5.71
CA GLU D 1036 31.10 -40.81 -6.67
C GLU D 1036 32.36 -40.02 -6.65
N THR D 1037 32.24 -38.70 -6.70
CA THR D 1037 33.40 -37.82 -6.74
C THR D 1037 33.70 -36.96 -5.53
N LYS D 1038 32.78 -36.85 -4.61
CA LYS D 1038 33.03 -36.07 -3.42
C LYS D 1038 33.06 -34.57 -3.66
N GLU D 1039 32.66 -34.15 -4.85
CA GLU D 1039 32.57 -32.76 -5.21
C GLU D 1039 31.30 -32.28 -4.53
N GLN D 1040 31.28 -31.07 -4.01
CA GLN D 1040 30.08 -30.59 -3.33
C GLN D 1040 29.74 -29.15 -3.62
N GLN D 1041 28.47 -28.78 -3.42
CA GLN D 1041 28.04 -27.43 -3.71
C GLN D 1041 27.02 -27.01 -2.67
N LEU D 1042 27.08 -25.75 -2.26
CA LEU D 1042 26.17 -25.19 -1.28
C LEU D 1042 25.08 -24.41 -2.01
N PHE D 1043 23.84 -24.83 -1.84
CA PHE D 1043 22.69 -24.13 -2.42
C PHE D 1043 21.86 -23.53 -1.30
N ARG D 1044 20.95 -22.64 -1.70
CA ARG D 1044 19.82 -22.29 -0.87
C ARG D 1044 18.55 -22.65 -1.61
N PHE D 1045 17.55 -23.04 -0.83
CA PHE D 1045 16.34 -23.66 -1.35
C PHE D 1045 15.38 -22.60 -1.86
N LEU D 1046 14.65 -22.94 -2.91
CA LEU D 1046 13.47 -22.18 -3.31
C LEU D 1046 12.22 -23.00 -3.07
N SER D 1047 12.04 -24.06 -3.84
CA SER D 1047 10.89 -24.90 -3.66
C SER D 1047 11.03 -26.18 -4.36
N ARG D 1048 9.99 -26.96 -4.36
CA ARG D 1048 9.92 -28.21 -5.04
C ARG D 1048 9.11 -27.86 -6.25
N THR D 1049 9.74 -27.91 -7.42
CA THR D 1049 9.09 -27.59 -8.67
C THR D 1049 8.76 -28.81 -9.45
N MET D 1050 7.76 -28.62 -10.29
CA MET D 1050 7.25 -29.58 -11.21
C MET D 1050 6.73 -30.81 -10.55
N PRO D 1051 5.43 -30.89 -10.36
CA PRO D 1051 4.83 -32.04 -9.73
C PRO D 1051 4.92 -33.35 -10.50
N LYS D 1052 4.97 -33.31 -11.83
CA LYS D 1052 5.03 -34.50 -12.63
C LYS D 1052 6.41 -35.03 -12.50
N GLN D 1053 7.41 -34.17 -12.44
CA GLN D 1053 8.78 -34.62 -12.27
C GLN D 1053 9.02 -34.85 -10.77
N LYS D 1054 9.09 -36.10 -10.35
CA LYS D 1054 9.27 -36.40 -8.95
C LYS D 1054 10.63 -35.91 -8.47
N HIS D 1055 10.67 -35.45 -7.22
CA HIS D 1055 11.89 -35.12 -6.50
C HIS D 1055 12.67 -33.98 -7.14
N TYR D 1056 12.02 -33.20 -8.00
CA TYR D 1056 12.64 -32.05 -8.65
C TYR D 1056 12.57 -30.82 -7.75
N VAL D 1057 13.59 -29.98 -7.84
CA VAL D 1057 13.73 -28.86 -6.92
C VAL D 1057 14.36 -27.68 -7.65
N GLU D 1058 13.80 -26.49 -7.46
CA GLU D 1058 14.43 -25.26 -7.90
C GLU D 1058 15.32 -24.73 -6.77
N LEU D 1059 16.56 -24.43 -7.11
CA LEU D 1059 17.57 -23.97 -6.16
C LEU D 1059 18.05 -22.58 -6.56
N LYS D 1060 18.73 -21.93 -5.63
CA LYS D 1060 19.21 -20.57 -5.82
C LYS D 1060 20.63 -20.46 -5.28
N PRO D 1061 21.41 -19.50 -5.77
CA PRO D 1061 22.83 -19.46 -5.42
C PRO D 1061 23.07 -19.02 -3.98
N TYR D 1062 24.21 -19.46 -3.45
CA TYR D 1062 24.55 -19.18 -2.06
C TYR D 1062 24.98 -17.73 -1.85
N ASP D 1063 25.69 -17.15 -2.82
CA ASP D 1063 26.31 -15.85 -2.62
C ASP D 1063 25.60 -14.71 -3.34
N LYS D 1064 24.71 -14.98 -4.29
CA LYS D 1064 24.04 -13.92 -5.03
C LYS D 1064 22.55 -14.21 -5.13
N GLN D 1065 21.83 -13.25 -5.74
CA GLN D 1065 20.37 -13.34 -5.80
C GLN D 1065 19.91 -14.47 -6.71
N LYS D 1066 20.51 -14.58 -7.86
CA LYS D 1066 20.14 -15.61 -8.77
C LYS D 1066 21.27 -16.03 -9.68
N PHE D 1067 21.13 -17.17 -10.31
CA PHE D 1067 22.13 -17.69 -11.21
C PHE D 1067 22.14 -16.98 -12.54
N GLU D 1068 23.29 -16.91 -13.17
CA GLU D 1068 23.42 -16.29 -14.48
C GLU D 1068 22.82 -17.07 -15.63
N GLY D 1069 23.01 -18.37 -15.63
CA GLY D 1069 22.51 -19.20 -16.70
C GLY D 1069 23.63 -19.80 -17.51
N GLY D 1070 23.86 -21.07 -17.29
CA GLY D 1070 24.94 -21.79 -17.89
C GLY D 1070 26.05 -21.97 -16.87
N GLU D 1071 25.79 -21.57 -15.65
CA GLU D 1071 26.74 -21.67 -14.58
C GLU D 1071 26.94 -23.10 -14.44
N ALA D 1072 28.09 -23.52 -13.94
CA ALA D 1072 28.36 -24.91 -13.81
C ALA D 1072 28.21 -25.30 -12.40
N LEU D 1073 27.81 -26.54 -12.19
CA LEU D 1073 27.64 -27.08 -10.86
C LEU D 1073 28.46 -28.35 -10.75
N ILE D 1074 28.26 -29.08 -9.64
CA ILE D 1074 28.90 -30.37 -9.48
C ILE D 1074 28.53 -31.26 -10.67
N LYS D 1075 29.41 -32.23 -10.93
CA LYS D 1075 29.29 -33.08 -12.12
C LYS D 1075 27.88 -33.67 -12.24
N VAL D 1076 27.41 -34.29 -11.15
CA VAL D 1076 26.14 -35.02 -11.18
C VAL D 1076 24.94 -34.11 -11.42
N LEU D 1077 25.07 -32.81 -11.18
CA LEU D 1077 23.96 -31.88 -11.44
C LEU D 1077 24.05 -31.17 -12.78
N GLY D 1078 25.23 -31.14 -13.41
CA GLY D 1078 25.40 -30.44 -14.67
C GLY D 1078 25.38 -28.94 -14.52
N ASN D 1079 24.97 -28.27 -15.58
CA ASN D 1079 24.89 -26.81 -15.61
C ASN D 1079 23.46 -26.35 -15.37
N VAL D 1080 23.33 -25.09 -14.92
CA VAL D 1080 22.02 -24.48 -14.82
C VAL D 1080 21.50 -24.13 -16.21
N ALA D 1081 20.18 -24.03 -16.33
CA ALA D 1081 19.58 -23.67 -17.59
C ALA D 1081 19.94 -22.24 -17.96
N ASN D 1082 20.03 -21.97 -19.27
CA ASN D 1082 20.44 -20.67 -19.78
C ASN D 1082 19.36 -19.61 -19.62
N SER D 1083 18.40 -19.84 -18.73
CA SER D 1083 17.40 -18.85 -18.34
C SER D 1083 17.62 -18.34 -16.93
N GLY D 1084 18.53 -18.95 -16.17
CA GLY D 1084 18.77 -18.59 -14.80
C GLY D 1084 18.19 -19.59 -13.81
N GLN D 1085 16.99 -20.05 -14.09
CA GLN D 1085 16.26 -20.93 -13.18
C GLN D 1085 16.96 -22.27 -13.08
N CYS D 1086 17.42 -22.62 -11.88
CA CYS D 1086 18.15 -23.87 -11.65
C CYS D 1086 17.16 -24.88 -11.09
N LYS D 1087 16.59 -25.66 -12.03
CA LYS D 1087 15.60 -26.67 -11.69
C LYS D 1087 16.22 -28.05 -11.93
N LYS D 1088 16.63 -28.68 -10.82
CA LYS D 1088 17.29 -29.98 -10.86
C LYS D 1088 16.53 -30.97 -9.99
N GLY D 1089 16.69 -32.25 -10.28
CA GLY D 1089 16.03 -33.24 -9.49
C GLY D 1089 16.98 -33.91 -8.55
N LEU D 1090 16.63 -34.00 -7.30
CA LEU D 1090 17.52 -34.57 -6.33
C LEU D 1090 17.24 -35.98 -5.95
N GLY D 1091 16.64 -36.74 -6.84
CA GLY D 1091 16.32 -38.12 -6.56
C GLY D 1091 17.21 -39.17 -7.19
N LYS D 1092 18.40 -38.77 -7.58
CA LYS D 1092 19.37 -39.62 -8.25
C LYS D 1092 20.05 -40.62 -7.35
N SER D 1093 20.66 -41.61 -7.95
CA SER D 1093 21.28 -42.72 -7.25
C SER D 1093 22.39 -42.47 -6.26
N ASN D 1094 23.33 -41.60 -6.59
CA ASN D 1094 24.41 -41.36 -5.66
C ASN D 1094 24.58 -39.89 -5.44
N ILE D 1095 23.76 -39.38 -4.55
CA ILE D 1095 23.82 -37.99 -4.19
C ILE D 1095 23.52 -37.93 -2.72
N SER D 1096 24.21 -37.10 -1.96
CA SER D 1096 23.90 -36.99 -0.55
C SER D 1096 23.51 -35.58 -0.24
N ILE D 1097 22.39 -35.38 0.42
CA ILE D 1097 21.99 -34.02 0.73
C ILE D 1097 21.88 -33.81 2.18
N TYR D 1098 22.42 -32.70 2.64
CA TYR D 1098 22.40 -32.33 4.05
C TYR D 1098 21.86 -30.91 4.19
N LYS D 1099 21.00 -30.73 5.20
CA LYS D 1099 20.50 -29.40 5.51
C LYS D 1099 21.55 -28.61 6.28
N VAL D 1100 21.65 -27.31 5.98
CA VAL D 1100 22.60 -26.41 6.63
C VAL D 1100 21.82 -25.27 7.27
N ARG D 1101 22.04 -25.07 8.57
CA ARG D 1101 21.50 -23.95 9.30
C ARG D 1101 22.62 -22.98 9.65
N THR D 1102 22.29 -21.69 9.70
CA THR D 1102 23.26 -20.66 10.03
C THR D 1102 22.63 -19.67 10.98
N ASP D 1103 23.46 -19.00 11.77
CA ASP D 1103 22.98 -17.93 12.63
C ASP D 1103 22.90 -16.63 11.81
N VAL D 1104 22.61 -15.51 12.48
CA VAL D 1104 22.52 -14.24 11.78
C VAL D 1104 23.86 -13.73 11.28
N LEU D 1105 24.96 -14.39 11.65
CA LEU D 1105 26.30 -13.98 11.27
C LEU D 1105 26.92 -14.85 10.19
N GLY D 1106 26.26 -15.92 9.78
CA GLY D 1106 26.79 -16.82 8.78
C GLY D 1106 27.58 -18.01 9.30
N ASN D 1107 27.30 -18.46 10.52
CA ASN D 1107 27.99 -19.60 11.12
C ASN D 1107 27.19 -20.86 10.79
N GLN D 1108 27.69 -21.63 9.83
CA GLN D 1108 26.97 -22.78 9.31
C GLN D 1108 27.27 -24.03 10.12
N HIS D 1109 26.28 -24.90 10.22
CA HIS D 1109 26.44 -26.19 10.85
C HIS D 1109 25.46 -27.16 10.21
N ILE D 1110 25.94 -28.39 9.97
CA ILE D 1110 25.20 -29.35 9.15
C ILE D 1110 24.12 -30.02 9.99
N ILE D 1111 23.09 -30.52 9.31
CA ILE D 1111 21.97 -31.18 9.98
C ILE D 1111 21.55 -32.41 9.18
N LYS D 1112 21.13 -33.43 9.92
CA LYS D 1112 20.40 -34.58 9.38
C LYS D 1112 19.49 -35.14 10.47
N ASN D 1113 19.69 -34.67 11.70
CA ASN D 1113 18.92 -35.13 12.85
C ASN D 1113 17.86 -34.09 13.20
N GLU D 1114 16.83 -34.02 12.35
CA GLU D 1114 15.70 -33.14 12.65
C GLU D 1114 14.59 -33.86 13.41
N GLY D 1115 14.41 -35.15 13.17
CA GLY D 1115 13.43 -35.90 13.95
C GLY D 1115 13.07 -37.21 13.27
N ASP D 1116 12.08 -37.87 13.87
CA ASP D 1116 11.59 -39.14 13.36
C ASP D 1116 10.55 -38.93 12.26
N LYS D 1117 9.59 -38.04 12.52
CA LYS D 1117 8.49 -37.70 11.64
C LYS D 1117 8.56 -36.21 11.29
N PRO D 1118 7.92 -35.78 10.22
CA PRO D 1118 7.86 -34.35 9.93
C PRO D 1118 6.99 -33.64 10.97
N LYS D 1119 7.17 -32.33 11.05
CA LYS D 1119 6.45 -31.52 12.02
C LYS D 1119 5.14 -31.05 11.38
N LEU D 1120 4.02 -31.39 12.01
CA LEU D 1120 2.69 -30.98 11.56
C LEU D 1120 1.83 -30.56 12.75
N ASP D 1121 2.43 -29.81 13.68
CA ASP D 1121 1.73 -29.38 14.88
C ASP D 1121 1.05 -28.06 14.60
N PHE D 1122 -0.28 -28.06 14.58
CA PHE D 1122 -1.03 -26.84 14.36
C PHE D 1122 -2.01 -26.56 15.50
#